data_6O0Y
#
_entry.id   6O0Y
#
_cell.length_a   1.0
_cell.length_b   1.0
_cell.length_c   1.0
_cell.angle_alpha   90.00
_cell.angle_beta   90.00
_cell.angle_gamma   90.00
#
_symmetry.space_group_name_H-M   'P 1'
#
loop_
_entity.id
_entity.type
_entity.pdbx_description
1 polymer 'CRISPR-associated endonuclease Cas9/Csn1'
2 polymer 'single guide RNA'
3 polymer "5' product of target strand DNA"
4 polymer 'non-target strand DNA'
5 polymer "3' product of target strand DNA"
#
loop_
_entity_poly.entity_id
_entity_poly.type
_entity_poly.pdbx_seq_one_letter_code
_entity_poly.pdbx_strand_id
1 'polypeptide(L)'
;GAASMDKKYSIGLDIGTNSVGWAVITDEYKVPSKKFKVLGNTDRHSIKKNLIGALLFDSGETAEATRLKRTARRRYTRRK
NRICYLQEIFSNEMAKVDDSFFHRLEESFLVEEDKKHERHPIFGNIVDEVAYHEKYPTIYHLRKKLVDSTDKADLRLIYL
ALAHMIKFRGHFLIEGDLNPDNSDVDKLFIQLVQTYNQLFEENPINASGVDAKAILSARLSKSRRLENLIAQLPGEKKNG
LFGNLIALSLGLTPNFKSNFDLAEDAKLQLSKDTYDDDLDNLLAQIGDQYADLFLAAKNLSDAILLSDILRVNTEITKAP
LSASMIKRYDEHHQDLTLLKALVRQQLPEKYKEIFFDQSKNGYAGYIDGGASQEEFYKFIKPILEKMDGTEELLVKLNRE
DLLRKQRTFDNGSIPHQIHLGELHAILRRQEDFYPFLKDNREKIEKILTFRIPYYVGPLARGNSRFAWMTRKSEETITPW
NFEEVVDKGASAQSFIERMTNFDKNLPNEKVLPKHSLLYEYFTVYNELTKVKYVTEGMRKPAFLSGEQKKAIVDLLFKTN
RKVTVKQLKEDYFKKIECFDSVEISGVEDRFNASLGTYHDLLKIIKDKDFLDNEENEDILEDIVLTLTLFEDREMIEERL
KTYAHLFDDKVMKQLKRRRYTGWGRLSRKLINGIRDKQSGKTILDFLKSDGFANRNFMQLIHDDSLTFKEDIQKAQVSGQ
GDSLHEHIANLAGSPAIKKGILQTVKVVDELVKVMGRHKPENIVIEMARENQTTQKGQKNSRERMKRIEEGIKELGSQIL
KEHPVENTQLQNEKLYLYYLQNGRDMYVDQELDINRLSDYDVDHIVPQSFLKDDSIDNKVLTRSDKNRGKSDNVPSEEVV
KKMKNYWRQLLNAKLITQRKFDNLTKAERGGLSELDKAGFIKRQLVETRQITKHVAQILDSRMNTKYDENDKLIREVKVI
TLKSKLVSDFRKDFQFYKVREINNYHHAHDAYLNAVVGTALIKKYPKLESEFVYGDYKVYDVRKMIAKSEQEIGKATAKY
FFYSNIMNFFKTEITLANGEIRKRPLIETNGETGEIVWDKGRDFATVRKVLSMPQVNIVKKTEVQTGGFSKESILPKRNS
DKLIARKKDWDPKKYGGFDSPTVAYSVLVVAKVEKGKSKKLKSVKELLGITIMERSSFEKNPIDFLEAKGYKEVKKDLII
KLPKYSLFELENGRKRMLASAGELQKGNELALPSKYVNFLYLASHYEKLKGSPEDNEQKQLFVEQHKHYLDEIIEQISEF
SKRVILADANLDKVLSAYNKHRDKPIREQAENIIHLFTLTNLGAPAAFKYFDTTIDRKRYTSTKEVLDATLIHQSITGLY
ETRIDLSQLGGD
;
A
2 'polyribonucleotide'
;GGGGCGCAUAAAGAUGAGACGCGUUUUAGAGCUAGAAAUAGCAAGUUAAAAUAAGGCUAGUCCGUUAUCAACUUGAAAAA
GUGGCACCGAGUCGGUGCUUGC
;
B
3 'polydeoxyribonucleotide' (DC)(DT)(DA)(DA)(DT)(DC)(DG)(DC)(DC)(DA)(DG)(DC)(DG) C
4 'polydeoxyribonucleotide'
;(DC)(DC)(DA)(DG)(DT)(DG)(DC)(DG)(DT)(DA)(DG)(DG)(DC)(DG)(DC)(DA)(DT)(DA)(DA)(DA)
(DG)(DA)(DT)(DG)(DA)(DG)(DA)(DC)(DG)(DC)(DT)(DG)(DG)(DC)(DG)(DA)(DT)(DT)(DA)(DG)
;
D
5 'polydeoxyribonucleotide'
;(DT)(DC)(DT)(DC)(DA)(DT)(DC)(DT)(DT)(DT)(DA)(DT)(DG)(DC)(DG)(DC)(DC)(DT)(DA)(DC)
(DG)(DC)(DA)(DC)(DT)(DG)(DG)
;
c
#
# COMPACT_ATOMS: atom_id res chain seq x y z
N LYS A 7 32.39 -32.78 15.43
CA LYS A 7 31.14 -32.12 15.83
C LYS A 7 30.69 -31.17 14.74
N LYS A 8 29.90 -31.67 13.80
CA LYS A 8 29.41 -30.88 12.68
C LYS A 8 27.89 -30.87 12.70
N TYR A 9 27.31 -29.74 12.36
CA TYR A 9 25.88 -29.52 12.49
C TYR A 9 25.36 -28.85 11.24
N SER A 10 24.04 -28.70 11.17
CA SER A 10 23.41 -28.02 10.05
C SER A 10 22.23 -27.22 10.58
N ILE A 11 21.87 -26.17 9.86
CA ILE A 11 20.84 -25.24 10.29
C ILE A 11 19.71 -25.28 9.28
N GLY A 12 18.49 -25.44 9.76
CA GLY A 12 17.30 -25.32 8.94
C GLY A 12 16.51 -24.09 9.36
N LEU A 13 16.15 -23.29 8.36
CA LEU A 13 15.34 -22.10 8.58
C LEU A 13 14.00 -22.25 7.90
N ASP A 14 13.05 -21.42 8.34
CA ASP A 14 11.75 -21.33 7.70
C ASP A 14 11.26 -19.90 7.86
N ILE A 15 11.16 -19.18 6.75
CA ILE A 15 10.90 -17.75 6.79
C ILE A 15 9.46 -17.50 6.39
N GLY A 16 8.81 -16.60 7.11
CA GLY A 16 7.48 -16.17 6.77
C GLY A 16 7.38 -14.66 6.88
N THR A 17 6.17 -14.14 7.03
CA THR A 17 5.99 -12.70 7.21
C THR A 17 5.74 -12.32 8.66
N ASN A 18 5.44 -13.28 9.53
CA ASN A 18 5.24 -13.02 10.94
C ASN A 18 6.03 -13.98 11.82
N SER A 19 6.89 -14.81 11.24
CA SER A 19 7.56 -15.83 12.03
C SER A 19 8.86 -16.21 11.33
N VAL A 20 9.83 -16.60 12.15
CA VAL A 20 11.08 -17.18 11.67
C VAL A 20 11.34 -18.42 12.50
N GLY A 21 11.38 -19.58 11.86
CA GLY A 21 11.61 -20.83 12.56
C GLY A 21 13.04 -21.31 12.33
N TRP A 22 13.69 -21.72 13.40
CA TRP A 22 15.08 -22.13 13.32
C TRP A 22 15.28 -23.45 14.04
N ALA A 23 16.12 -24.31 13.46
CA ALA A 23 16.43 -25.58 14.08
C ALA A 23 17.86 -25.95 13.76
N VAL A 24 18.51 -26.61 14.72
CA VAL A 24 19.91 -27.01 14.61
C VAL A 24 19.97 -28.52 14.73
N ILE A 25 20.38 -29.19 13.66
CA ILE A 25 20.42 -30.64 13.65
C ILE A 25 21.86 -31.13 13.60
N THR A 26 22.06 -32.35 14.08
CA THR A 26 23.34 -33.03 14.01
C THR A 26 23.25 -33.95 12.79
N ASP A 27 24.23 -34.83 12.56
CA ASP A 27 24.25 -35.66 11.37
C ASP A 27 23.13 -36.71 11.43
N GLU A 28 22.86 -37.26 12.61
CA GLU A 28 21.84 -38.28 12.77
C GLU A 28 20.46 -37.69 13.05
N TYR A 29 20.22 -36.46 12.62
CA TYR A 29 18.92 -35.76 12.70
C TYR A 29 18.41 -35.61 14.13
N LYS A 30 19.31 -35.49 15.09
CA LYS A 30 18.91 -35.18 16.44
C LYS A 30 18.82 -33.67 16.62
N VAL A 31 18.40 -33.25 17.81
CA VAL A 31 18.47 -31.86 18.23
C VAL A 31 19.14 -31.85 19.60
N PRO A 32 20.29 -31.20 19.75
CA PRO A 32 21.01 -31.27 21.03
C PRO A 32 20.42 -30.32 22.05
N SER A 33 20.70 -30.62 23.30
CA SER A 33 20.24 -29.83 24.44
C SER A 33 21.45 -29.27 25.16
N LYS A 34 21.29 -28.10 25.77
CA LYS A 34 22.42 -27.45 26.41
C LYS A 34 21.97 -26.71 27.66
N LYS A 35 22.86 -26.64 28.64
CA LYS A 35 22.62 -25.89 29.86
C LYS A 35 23.21 -24.49 29.72
N PHE A 36 22.35 -23.49 29.81
CA PHE A 36 22.73 -22.10 29.65
C PHE A 36 22.70 -21.39 30.99
N LYS A 37 23.64 -20.48 31.17
CA LYS A 37 23.76 -19.71 32.41
C LYS A 37 22.86 -18.49 32.34
N VAL A 38 22.09 -18.26 33.40
CA VAL A 38 21.13 -17.17 33.45
C VAL A 38 21.58 -16.15 34.48
N LEU A 39 21.63 -14.89 34.07
CA LEU A 39 22.06 -13.80 34.94
C LEU A 39 20.86 -13.20 35.65
N GLY A 40 21.15 -12.32 36.61
CA GLY A 40 20.09 -11.68 37.37
C GLY A 40 20.30 -11.73 38.86
N ASN A 41 19.22 -11.85 39.63
CA ASN A 41 19.31 -11.86 41.08
C ASN A 41 18.36 -12.86 41.71
N THR A 42 18.07 -13.95 41.03
CA THR A 42 17.22 -15.00 41.57
C THR A 42 18.08 -16.16 42.05
N ASP A 43 17.43 -17.27 42.42
CA ASP A 43 18.14 -18.42 42.96
C ASP A 43 18.62 -19.36 41.87
N ARG A 44 17.81 -19.60 40.84
CA ARG A 44 18.19 -20.54 39.80
C ARG A 44 19.24 -19.93 38.89
N HIS A 45 20.25 -20.74 38.53
CA HIS A 45 21.42 -20.25 37.81
C HIS A 45 21.72 -21.02 36.53
N SER A 46 20.88 -21.95 36.12
CA SER A 46 21.13 -22.72 34.91
C SER A 46 19.82 -23.26 34.37
N ILE A 47 19.63 -23.16 33.06
CA ILE A 47 18.43 -23.65 32.40
C ILE A 47 18.85 -24.61 31.29
N LYS A 48 18.28 -25.80 31.28
CA LYS A 48 18.48 -26.70 30.15
C LYS A 48 17.47 -26.36 29.07
N LYS A 49 17.94 -26.21 27.84
CA LYS A 49 17.07 -25.82 26.75
C LYS A 49 17.45 -26.58 25.48
N ASN A 50 16.46 -26.73 24.60
CA ASN A 50 16.63 -27.42 23.33
C ASN A 50 16.84 -26.42 22.22
N LEU A 51 17.79 -26.71 21.33
CA LEU A 51 18.18 -25.79 20.26
C LEU A 51 17.20 -25.92 19.08
N ILE A 52 15.97 -25.45 19.32
CA ILE A 52 14.92 -25.43 18.32
C ILE A 52 13.92 -24.37 18.74
N GLY A 53 13.44 -23.56 17.81
CA GLY A 53 12.47 -22.57 18.22
C GLY A 53 11.95 -21.76 17.07
N ALA A 54 11.16 -20.75 17.42
CA ALA A 54 10.60 -19.80 16.47
C ALA A 54 10.70 -18.41 17.07
N LEU A 55 10.43 -17.42 16.24
CA LEU A 55 10.47 -16.03 16.66
C LEU A 55 9.35 -15.29 15.95
N LEU A 56 8.50 -14.62 16.72
CA LEU A 56 7.32 -13.97 16.19
C LEU A 56 7.44 -12.46 16.38
N PHE A 57 6.84 -11.73 15.46
CA PHE A 57 6.90 -10.28 15.50
C PHE A 57 5.69 -9.70 14.78
N ASP A 58 5.45 -8.42 15.01
CA ASP A 58 4.38 -7.73 14.32
C ASP A 58 4.77 -7.45 12.87
N SER A 59 3.78 -7.40 11.99
CA SER A 59 4.04 -7.25 10.58
C SER A 59 4.50 -5.83 10.27
N GLY A 60 5.60 -5.72 9.54
CA GLY A 60 6.04 -4.42 9.09
C GLY A 60 5.11 -3.88 8.01
N GLU A 61 4.81 -2.59 8.09
CA GLU A 61 3.87 -1.99 7.17
C GLU A 61 4.60 -1.11 6.17
N THR A 62 3.88 -0.72 5.13
CA THR A 62 4.42 0.10 4.07
C THR A 62 4.30 1.58 4.43
N ALA A 63 4.95 2.41 3.62
CA ALA A 63 5.04 3.85 3.89
C ALA A 63 4.05 4.65 3.08
N GLU A 64 2.85 4.12 2.85
CA GLU A 64 1.88 4.81 2.01
C GLU A 64 1.03 5.80 2.80
N ALA A 65 0.55 5.40 3.99
CA ALA A 65 -0.27 6.29 4.80
C ALA A 65 0.53 7.46 5.33
N THR A 66 1.81 7.23 5.62
CA THR A 66 2.69 8.32 6.01
C THR A 66 2.88 9.30 4.86
N ARG A 67 2.95 8.80 3.64
CA ARG A 67 3.08 9.68 2.48
C ARG A 67 1.80 10.48 2.26
N LEU A 68 0.65 9.85 2.46
CA LEU A 68 -0.61 10.56 2.27
C LEU A 68 -0.80 11.66 3.31
N LYS A 69 -0.44 11.39 4.57
CA LYS A 69 -0.55 12.43 5.57
C LYS A 69 0.55 13.48 5.42
N ARG A 70 1.70 13.11 4.89
CA ARG A 70 2.75 14.10 4.63
C ARG A 70 2.36 15.04 3.51
N THR A 71 1.68 14.51 2.50
CA THR A 71 1.17 15.38 1.44
C THR A 71 0.03 16.25 1.96
N ALA A 72 -0.81 15.69 2.84
CA ALA A 72 -1.92 16.46 3.40
C ALA A 72 -1.44 17.56 4.33
N ARG A 73 -0.27 17.41 4.93
CA ARG A 73 0.25 18.44 5.81
C ARG A 73 0.65 19.69 5.06
N ARG A 74 1.01 19.57 3.78
CA ARG A 74 1.52 20.71 3.05
C ARG A 74 0.41 21.61 2.53
N ARG A 75 -0.73 21.04 2.18
CA ARG A 75 -1.79 21.83 1.56
C ARG A 75 -2.44 22.78 2.55
N TYR A 76 -2.45 22.43 3.84
CA TYR A 76 -3.00 23.34 4.82
C TYR A 76 -2.11 24.57 5.03
N THR A 77 -0.78 24.35 5.04
CA THR A 77 0.13 25.48 5.15
C THR A 77 0.07 26.36 3.91
N ARG A 78 -0.09 25.74 2.73
CA ARG A 78 -0.18 26.54 1.52
C ARG A 78 -1.51 27.30 1.45
N ARG A 79 -2.58 26.72 1.98
CA ARG A 79 -3.87 27.42 2.00
C ARG A 79 -3.85 28.60 2.94
N LYS A 80 -3.26 28.41 4.13
CA LYS A 80 -3.10 29.52 5.07
C LYS A 80 -2.21 30.61 4.49
N ASN A 81 -1.21 30.23 3.70
CA ASN A 81 -0.37 31.24 3.07
C ASN A 81 -1.11 31.99 1.97
N ARG A 82 -2.03 31.33 1.26
CA ARG A 82 -2.83 32.03 0.26
C ARG A 82 -3.71 33.10 0.89
N ILE A 83 -4.40 32.73 1.98
CA ILE A 83 -5.24 33.72 2.65
C ILE A 83 -4.39 34.80 3.33
N CYS A 84 -3.18 34.46 3.75
CA CYS A 84 -2.27 35.46 4.31
C CYS A 84 -1.84 36.46 3.25
N TYR A 85 -1.60 36.00 2.02
CA TYR A 85 -1.25 36.92 0.94
C TYR A 85 -2.40 37.86 0.62
N LEU A 86 -3.63 37.33 0.61
CA LEU A 86 -4.79 38.19 0.34
C LEU A 86 -4.98 39.23 1.43
N GLN A 87 -4.80 38.85 2.70
CA GLN A 87 -4.93 39.81 3.78
C GLN A 87 -3.80 40.84 3.75
N GLU A 88 -2.60 40.42 3.34
CA GLU A 88 -1.49 41.35 3.25
C GLU A 88 -1.72 42.38 2.15
N ILE A 89 -2.43 42.00 1.09
CA ILE A 89 -2.82 42.98 0.09
C ILE A 89 -3.89 43.93 0.66
N PHE A 90 -4.91 43.38 1.32
CA PHE A 90 -6.04 44.20 1.72
C PHE A 90 -5.81 45.05 2.97
N SER A 91 -4.69 44.83 3.69
CA SER A 91 -4.57 45.25 5.09
C SER A 91 -4.69 46.76 5.29
N ASN A 92 -4.09 47.54 4.40
CA ASN A 92 -4.04 48.99 4.61
C ASN A 92 -5.42 49.63 4.46
N GLU A 93 -6.10 49.33 3.36
CA GLU A 93 -7.44 49.86 3.18
C GLU A 93 -8.46 49.20 4.10
N MET A 94 -8.15 48.02 4.65
CA MET A 94 -9.02 47.44 5.67
C MET A 94 -8.89 48.20 6.98
N ALA A 95 -7.66 48.52 7.38
CA ALA A 95 -7.44 49.29 8.58
C ALA A 95 -7.88 50.74 8.43
N LYS A 96 -8.08 51.21 7.19
CA LYS A 96 -8.62 52.54 7.00
C LYS A 96 -10.07 52.66 7.46
N VAL A 97 -10.83 51.56 7.46
CA VAL A 97 -12.27 51.62 7.71
C VAL A 97 -12.66 50.88 9.00
N ASP A 98 -12.00 49.78 9.33
CA ASP A 98 -12.32 49.04 10.56
C ASP A 98 -11.08 48.26 10.96
N ASP A 99 -10.31 48.80 11.90
CA ASP A 99 -9.00 48.23 12.23
C ASP A 99 -9.08 47.21 13.35
N SER A 100 -10.05 46.31 13.25
CA SER A 100 -10.08 45.14 14.11
C SER A 100 -10.59 43.93 13.36
N PHE A 101 -10.75 44.01 12.03
CA PHE A 101 -11.54 43.05 11.29
C PHE A 101 -10.85 41.70 11.19
N PHE A 102 -9.58 41.70 10.80
CA PHE A 102 -8.84 40.45 10.73
C PHE A 102 -8.56 39.88 12.11
N HIS A 103 -8.43 40.76 13.11
CA HIS A 103 -8.29 40.31 14.49
C HIS A 103 -9.56 39.63 14.96
N ARG A 104 -10.73 40.16 14.59
CA ARG A 104 -11.99 39.51 14.94
C ARG A 104 -12.14 38.20 14.20
N LEU A 105 -11.65 38.13 12.97
CA LEU A 105 -11.78 36.89 12.21
C LEU A 105 -10.85 35.81 12.73
N GLU A 106 -9.71 36.18 13.30
CA GLU A 106 -8.74 35.19 13.73
C GLU A 106 -9.14 34.50 15.03
N GLU A 107 -9.92 35.15 15.89
CA GLU A 107 -10.25 34.61 17.20
C GLU A 107 -11.71 34.19 17.32
N SER A 108 -12.37 33.91 16.19
CA SER A 108 -13.78 33.54 16.22
C SER A 108 -14.03 32.19 16.85
N PHE A 109 -13.01 31.35 16.95
CA PHE A 109 -13.20 30.02 17.53
C PHE A 109 -13.35 30.05 19.04
N LEU A 110 -12.90 31.11 19.71
CA LEU A 110 -12.86 31.12 21.15
C LEU A 110 -14.23 31.38 21.74
N VAL A 111 -14.39 31.03 23.02
CA VAL A 111 -15.64 31.23 23.76
C VAL A 111 -15.83 32.71 24.08
N GLU A 112 -17.00 33.06 24.59
CA GLU A 112 -17.43 34.45 24.72
C GLU A 112 -16.59 35.26 25.69
N GLU A 113 -15.95 34.62 26.67
CA GLU A 113 -15.10 35.35 27.59
C GLU A 113 -13.62 35.31 27.23
N ASP A 114 -13.23 34.43 26.31
CA ASP A 114 -11.84 34.38 25.87
C ASP A 114 -11.56 35.30 24.70
N LYS A 115 -12.58 35.89 24.09
CA LYS A 115 -12.35 36.90 23.07
C LYS A 115 -11.88 38.20 23.72
N LYS A 116 -11.21 39.02 22.92
CA LYS A 116 -10.80 40.34 23.36
C LYS A 116 -11.61 41.45 22.70
N HIS A 117 -12.51 41.10 21.78
CA HIS A 117 -13.32 42.08 21.08
C HIS A 117 -14.79 41.67 21.17
N GLU A 118 -15.64 42.31 20.38
CA GLU A 118 -17.04 41.90 20.32
C GLU A 118 -17.16 40.51 19.70
N ARG A 119 -18.25 39.83 20.02
CA ARG A 119 -18.38 38.44 19.60
C ARG A 119 -18.83 38.29 18.16
N HIS A 120 -19.56 39.27 17.64
CA HIS A 120 -20.00 39.21 16.25
C HIS A 120 -18.84 39.55 15.32
N PRO A 121 -18.42 38.64 14.44
CA PRO A 121 -17.14 38.82 13.73
C PRO A 121 -17.16 39.87 12.64
N ILE A 122 -18.25 39.98 11.88
CA ILE A 122 -18.23 40.83 10.70
C ILE A 122 -18.39 42.30 11.08
N PHE A 123 -19.51 42.64 11.71
CA PHE A 123 -19.81 44.04 11.98
C PHE A 123 -19.66 44.43 13.44
N GLY A 124 -19.46 43.48 14.34
CA GLY A 124 -19.29 43.84 15.74
C GLY A 124 -20.60 43.94 16.49
N ASN A 125 -21.45 44.88 16.10
CA ASN A 125 -22.75 45.04 16.74
C ASN A 125 -23.73 43.96 16.29
N ILE A 126 -24.91 43.99 16.88
CA ILE A 126 -25.88 42.91 16.68
C ILE A 126 -26.82 43.19 15.51
N VAL A 127 -27.28 44.43 15.35
CA VAL A 127 -28.33 44.72 14.40
C VAL A 127 -27.82 44.64 12.97
N ASP A 128 -26.55 45.00 12.74
CA ASP A 128 -25.99 44.91 11.41
C ASP A 128 -25.77 43.47 10.99
N GLU A 129 -25.36 42.63 11.94
CA GLU A 129 -25.19 41.20 11.65
C GLU A 129 -26.52 40.53 11.37
N VAL A 130 -27.56 40.88 12.13
CA VAL A 130 -28.87 40.30 11.92
C VAL A 130 -29.46 40.74 10.58
N ALA A 131 -29.28 42.02 10.23
CA ALA A 131 -29.77 42.50 8.93
C ALA A 131 -28.98 41.91 7.77
N TYR A 132 -27.68 41.67 7.96
CA TYR A 132 -26.89 41.04 6.92
C TYR A 132 -27.32 39.60 6.69
N HIS A 133 -27.57 38.85 7.75
CA HIS A 133 -28.00 37.48 7.57
C HIS A 133 -29.44 37.37 7.11
N GLU A 134 -30.27 38.38 7.39
CA GLU A 134 -31.60 38.38 6.80
C GLU A 134 -31.55 38.75 5.32
N LYS A 135 -30.55 39.53 4.91
CA LYS A 135 -30.42 39.89 3.50
C LYS A 135 -29.89 38.72 2.69
N TYR A 136 -28.68 38.27 3.01
CA TYR A 136 -28.06 37.17 2.28
C TYR A 136 -28.09 35.91 3.14
N PRO A 137 -28.94 34.93 2.83
CA PRO A 137 -29.01 33.75 3.68
C PRO A 137 -27.83 32.82 3.55
N THR A 138 -27.06 32.93 2.47
CA THR A 138 -25.88 32.11 2.25
C THR A 138 -24.76 33.02 1.78
N ILE A 139 -23.67 32.42 1.31
CA ILE A 139 -22.60 33.20 0.69
C ILE A 139 -22.81 33.32 -0.82
N TYR A 140 -23.56 32.40 -1.43
CA TYR A 140 -23.72 32.44 -2.88
C TYR A 140 -24.67 33.55 -3.30
N HIS A 141 -25.60 33.94 -2.42
CA HIS A 141 -26.39 35.14 -2.66
C HIS A 141 -25.49 36.37 -2.74
N LEU A 142 -24.47 36.42 -1.89
CA LEU A 142 -23.56 37.57 -1.89
C LEU A 142 -22.69 37.58 -3.13
N ARG A 143 -22.25 36.40 -3.60
CA ARG A 143 -21.45 36.33 -4.81
C ARG A 143 -22.27 36.70 -6.03
N LYS A 144 -23.52 36.27 -6.09
CA LYS A 144 -24.37 36.64 -7.22
C LYS A 144 -24.71 38.12 -7.19
N LYS A 145 -24.91 38.68 -6.00
CA LYS A 145 -25.18 40.11 -5.89
C LYS A 145 -23.95 40.94 -6.28
N LEU A 146 -22.76 40.47 -5.92
CA LEU A 146 -21.56 41.22 -6.26
C LEU A 146 -21.21 41.09 -7.73
N VAL A 147 -21.60 39.97 -8.36
CA VAL A 147 -21.41 39.84 -9.81
C VAL A 147 -22.38 40.75 -10.55
N ASP A 148 -23.66 40.72 -10.17
CA ASP A 148 -24.67 41.37 -10.99
C ASP A 148 -24.77 42.87 -10.73
N SER A 149 -24.79 43.29 -9.47
CA SER A 149 -25.09 44.69 -9.16
C SER A 149 -23.90 45.58 -9.47
N THR A 150 -24.15 46.90 -9.40
CA THR A 150 -23.17 47.90 -9.78
C THR A 150 -23.16 49.06 -8.80
N ASP A 151 -23.32 48.76 -7.51
CA ASP A 151 -23.20 49.75 -6.46
C ASP A 151 -21.88 49.55 -5.73
N LYS A 152 -21.41 50.61 -5.08
CA LYS A 152 -20.16 50.57 -4.34
C LYS A 152 -20.37 49.77 -3.07
N ALA A 153 -19.94 48.52 -3.07
CA ALA A 153 -20.15 47.64 -1.93
C ALA A 153 -19.17 47.97 -0.81
N ASP A 154 -19.47 47.45 0.37
CA ASP A 154 -18.55 47.54 1.49
C ASP A 154 -17.33 46.67 1.24
N LEU A 155 -16.20 47.07 1.82
CA LEU A 155 -14.95 46.35 1.60
C LEU A 155 -14.96 44.98 2.26
N ARG A 156 -15.70 44.84 3.36
CA ARG A 156 -15.68 43.58 4.10
C ARG A 156 -16.40 42.48 3.34
N LEU A 157 -17.50 42.82 2.66
CA LEU A 157 -18.20 41.83 1.86
C LEU A 157 -17.37 41.40 0.65
N ILE A 158 -16.64 42.35 0.06
CA ILE A 158 -15.75 42.05 -1.06
C ILE A 158 -14.65 41.10 -0.60
N TYR A 159 -14.08 41.36 0.58
CA TYR A 159 -13.06 40.47 1.11
C TYR A 159 -13.61 39.09 1.42
N LEU A 160 -14.85 39.02 1.93
CA LEU A 160 -15.44 37.73 2.25
C LEU A 160 -15.70 36.91 0.99
N ALA A 161 -16.18 37.56 -0.08
CA ALA A 161 -16.39 36.86 -1.34
C ALA A 161 -15.08 36.39 -1.96
N LEU A 162 -14.06 37.25 -1.96
CA LEU A 162 -12.78 36.87 -2.54
C LEU A 162 -12.10 35.79 -1.72
N ALA A 163 -12.25 35.82 -0.40
CA ALA A 163 -11.64 34.80 0.45
C ALA A 163 -12.34 33.47 0.29
N HIS A 164 -13.66 33.48 0.12
CA HIS A 164 -14.35 32.23 -0.12
C HIS A 164 -14.03 31.66 -1.50
N MET A 165 -13.74 32.52 -2.48
CA MET A 165 -13.35 32.01 -3.79
C MET A 165 -11.92 31.45 -3.76
N ILE A 166 -11.03 32.09 -3.00
CA ILE A 166 -9.63 31.67 -3.01
C ILE A 166 -9.42 30.43 -2.15
N LYS A 167 -10.14 30.31 -1.04
CA LYS A 167 -9.92 29.19 -0.12
C LYS A 167 -10.37 27.86 -0.72
N PHE A 168 -11.54 27.85 -1.36
CA PHE A 168 -12.01 26.68 -2.11
C PHE A 168 -12.07 27.06 -3.57
N ARG A 169 -11.24 26.42 -4.41
CA ARG A 169 -11.09 26.92 -5.77
C ARG A 169 -11.36 25.93 -6.88
N GLY A 170 -11.45 24.63 -6.64
CA GLY A 170 -11.79 23.70 -7.69
C GLY A 170 -10.57 23.02 -8.29
N HIS A 171 -10.83 22.13 -9.25
CA HIS A 171 -9.78 21.28 -9.78
C HIS A 171 -9.09 21.93 -10.98
N PHE A 172 -8.10 21.22 -11.52
CA PHE A 172 -7.26 21.72 -12.60
C PHE A 172 -7.07 20.69 -13.70
N LEU A 173 -8.09 19.86 -13.94
CA LEU A 173 -7.93 18.76 -14.89
C LEU A 173 -7.94 19.27 -16.33
N ILE A 174 -8.92 20.09 -16.67
CA ILE A 174 -8.92 20.70 -18.00
C ILE A 174 -7.89 21.82 -18.04
N GLU A 175 -7.53 22.23 -19.25
CA GLU A 175 -6.50 23.22 -19.47
C GLU A 175 -7.00 24.31 -20.40
N GLY A 176 -6.26 25.41 -20.44
CA GLY A 176 -6.60 26.52 -21.31
C GLY A 176 -7.70 27.39 -20.73
N ASP A 177 -8.81 27.49 -21.45
CA ASP A 177 -9.97 28.25 -20.99
C ASP A 177 -11.24 27.50 -21.38
N LEU A 178 -12.36 27.97 -20.85
CA LEU A 178 -13.65 27.35 -21.11
C LEU A 178 -14.77 28.37 -21.00
N GLU A 315 -26.26 34.72 -21.14
CA GLU A 315 -27.62 34.61 -20.66
C GLU A 315 -28.01 35.84 -19.84
N ILE A 316 -28.93 35.64 -18.89
CA ILE A 316 -29.38 36.75 -18.05
C ILE A 316 -28.29 37.12 -17.05
N THR A 317 -27.50 36.17 -16.60
CA THR A 317 -26.47 36.39 -15.60
C THR A 317 -25.13 35.87 -16.09
N LYS A 318 -24.08 36.27 -15.39
CA LYS A 318 -22.72 35.86 -15.71
C LYS A 318 -22.16 34.86 -14.70
N ALA A 319 -22.93 34.51 -13.67
CA ALA A 319 -22.48 33.60 -12.62
C ALA A 319 -23.42 32.41 -12.59
N PRO A 320 -23.12 31.33 -13.34
CA PRO A 320 -24.03 30.19 -13.35
C PRO A 320 -23.99 29.38 -12.07
N LEU A 321 -22.86 29.36 -11.37
CA LEU A 321 -22.73 28.53 -10.18
C LEU A 321 -23.57 29.07 -9.02
N SER A 322 -23.53 30.38 -8.81
CA SER A 322 -24.33 30.98 -7.74
C SER A 322 -25.82 30.87 -8.05
N ALA A 323 -26.18 30.97 -9.33
CA ALA A 323 -27.58 30.81 -9.71
C ALA A 323 -28.04 29.37 -9.49
N SER A 324 -27.18 28.40 -9.77
CA SER A 324 -27.52 27.01 -9.53
C SER A 324 -27.68 26.72 -8.05
N MET A 325 -26.81 27.29 -7.21
CA MET A 325 -26.93 27.07 -5.78
C MET A 325 -28.15 27.77 -5.20
N ILE A 326 -28.51 28.95 -5.73
CA ILE A 326 -29.71 29.64 -5.28
C ILE A 326 -30.96 28.86 -5.68
N LYS A 327 -30.93 28.27 -6.87
CA LYS A 327 -32.04 27.40 -7.31
C LYS A 327 -32.18 26.18 -6.42
N ARG A 328 -31.04 25.59 -6.02
CA ARG A 328 -31.08 24.44 -5.11
C ARG A 328 -31.62 24.83 -3.74
N TYR A 329 -31.24 26.01 -3.26
CA TYR A 329 -31.75 26.50 -1.97
C TYR A 329 -33.24 26.74 -2.00
N ASP A 330 -33.75 27.32 -3.09
CA ASP A 330 -35.17 27.60 -3.17
C ASP A 330 -35.99 26.32 -3.32
N GLU A 331 -35.46 25.34 -4.08
CA GLU A 331 -36.13 24.05 -4.16
C GLU A 331 -36.17 23.36 -2.81
N HIS A 332 -35.10 23.49 -2.04
CA HIS A 332 -35.06 22.95 -0.67
C HIS A 332 -36.15 23.57 0.20
N HIS A 333 -36.29 24.90 0.11
CA HIS A 333 -37.27 25.59 0.94
C HIS A 333 -38.71 25.19 0.58
N GLN A 334 -39.00 25.12 -0.72
CA GLN A 334 -40.35 24.76 -1.16
C GLN A 334 -40.69 23.32 -0.80
N ASP A 335 -39.76 22.39 -1.02
CA ASP A 335 -40.01 21.00 -0.65
C ASP A 335 -40.14 20.83 0.85
N LEU A 336 -39.42 21.62 1.63
CA LEU A 336 -39.51 21.53 3.09
C LEU A 336 -40.89 21.95 3.59
N THR A 337 -41.37 23.12 3.12
CA THR A 337 -42.67 23.55 3.63
C THR A 337 -43.81 22.68 3.11
N LEU A 338 -43.68 22.14 1.89
CA LEU A 338 -44.71 21.23 1.39
C LEU A 338 -44.75 19.92 2.18
N LEU A 339 -43.58 19.34 2.47
CA LEU A 339 -43.52 18.11 3.24
C LEU A 339 -44.01 18.32 4.67
N LYS A 340 -43.71 19.49 5.24
CA LYS A 340 -44.16 19.81 6.60
C LYS A 340 -45.67 19.87 6.67
N ALA A 341 -46.30 20.57 5.72
CA ALA A 341 -47.76 20.67 5.72
C ALA A 341 -48.41 19.31 5.44
N LEU A 342 -47.80 18.50 4.57
CA LEU A 342 -48.40 17.22 4.24
C LEU A 342 -48.31 16.24 5.41
N VAL A 343 -47.19 16.23 6.14
CA VAL A 343 -47.09 15.33 7.27
C VAL A 343 -47.89 15.88 8.46
N ARG A 344 -48.15 17.18 8.50
CA ARG A 344 -49.10 17.70 9.48
C ARG A 344 -50.51 17.21 9.17
N GLN A 345 -50.86 17.12 7.89
CA GLN A 345 -52.19 16.67 7.53
C GLN A 345 -52.38 15.18 7.76
N GLN A 346 -51.59 14.35 7.07
CA GLN A 346 -51.95 12.95 6.92
C GLN A 346 -51.36 12.03 7.97
N LEU A 347 -50.33 12.44 8.70
CA LEU A 347 -49.70 11.60 9.72
C LEU A 347 -49.26 12.46 10.89
N PRO A 348 -50.19 12.84 11.77
CA PRO A 348 -49.84 13.76 12.86
C PRO A 348 -49.04 13.11 13.98
N GLU A 349 -48.96 11.78 14.02
CA GLU A 349 -48.27 11.12 15.11
C GLU A 349 -46.78 10.97 14.84
N LYS A 350 -46.38 10.90 13.58
CA LYS A 350 -44.99 10.69 13.22
C LYS A 350 -44.23 11.99 12.99
N TYR A 351 -44.70 13.09 13.57
CA TYR A 351 -44.05 14.37 13.35
C TYR A 351 -42.77 14.48 14.15
N LYS A 352 -42.78 14.04 15.40
CA LYS A 352 -41.65 14.26 16.29
C LYS A 352 -40.48 13.34 15.92
N GLU A 353 -40.76 12.18 15.34
CA GLU A 353 -39.66 11.29 14.95
C GLU A 353 -38.92 11.83 13.74
N ILE A 354 -39.59 12.61 12.90
CA ILE A 354 -38.95 13.13 11.69
C ILE A 354 -38.32 14.48 12.00
N PHE A 355 -39.12 15.44 12.43
CA PHE A 355 -38.68 16.83 12.47
C PHE A 355 -38.12 17.24 13.83
N PHE A 356 -37.98 16.31 14.78
CA PHE A 356 -37.43 16.68 16.08
C PHE A 356 -36.39 15.72 16.63
N ASP A 357 -36.35 14.46 16.21
CA ASP A 357 -35.38 13.53 16.77
C ASP A 357 -34.02 13.73 16.14
N GLN A 358 -32.99 13.73 16.98
CA GLN A 358 -31.63 13.98 16.53
C GLN A 358 -30.82 12.71 16.38
N SER A 359 -31.29 11.59 16.95
CA SER A 359 -30.58 10.33 16.84
C SER A 359 -31.06 9.47 15.68
N LYS A 360 -32.28 9.68 15.19
CA LYS A 360 -32.78 8.92 14.06
C LYS A 360 -32.25 9.52 12.76
N ASN A 361 -32.65 8.93 11.63
CA ASN A 361 -32.23 9.38 10.32
C ASN A 361 -33.30 10.23 9.64
N GLY A 362 -34.05 11.00 10.41
CA GLY A 362 -35.05 11.89 9.85
C GLY A 362 -34.42 13.17 9.34
N TYR A 363 -35.26 14.20 9.21
CA TYR A 363 -34.75 15.49 8.75
C TYR A 363 -33.90 16.17 9.80
N ALA A 364 -34.31 16.08 11.07
CA ALA A 364 -33.51 16.65 12.14
C ALA A 364 -32.24 15.86 12.38
N GLY A 365 -32.21 14.59 11.99
CA GLY A 365 -30.95 13.87 11.94
C GLY A 365 -30.15 14.10 10.68
N TYR A 366 -30.81 14.55 9.61
CA TYR A 366 -30.10 14.87 8.39
C TYR A 366 -29.37 16.19 8.51
N ILE A 367 -29.98 17.17 9.15
CA ILE A 367 -29.35 18.48 9.29
C ILE A 367 -28.35 18.47 10.42
N ASP A 368 -28.79 18.11 11.63
CA ASP A 368 -27.96 18.25 12.82
C ASP A 368 -27.19 16.99 13.19
N GLY A 369 -27.79 15.82 13.02
CA GLY A 369 -27.15 14.58 13.40
C GLY A 369 -26.08 14.12 12.45
N GLY A 370 -25.86 12.82 12.39
CA GLY A 370 -24.81 12.28 11.56
C GLY A 370 -25.32 11.47 10.37
N ALA A 371 -26.42 11.92 9.77
CA ALA A 371 -27.02 11.19 8.66
C ALA A 371 -26.54 11.76 7.34
N SER A 372 -26.22 10.87 6.40
CA SER A 372 -25.82 11.26 5.07
C SER A 372 -27.05 11.42 4.19
N GLN A 373 -26.85 11.55 2.88
CA GLN A 373 -27.99 11.71 1.99
C GLN A 373 -28.66 10.37 1.68
N GLU A 374 -27.85 9.32 1.52
CA GLU A 374 -28.39 8.01 1.17
C GLU A 374 -29.21 7.42 2.31
N GLU A 375 -28.72 7.57 3.55
CA GLU A 375 -29.45 7.05 4.69
C GLU A 375 -30.74 7.83 4.91
N PHE A 376 -30.72 9.14 4.68
CA PHE A 376 -31.93 9.94 4.82
C PHE A 376 -32.95 9.58 3.76
N TYR A 377 -32.50 9.33 2.53
CA TYR A 377 -33.43 8.94 1.47
C TYR A 377 -34.01 7.57 1.73
N LYS A 378 -33.18 6.62 2.18
CA LYS A 378 -33.66 5.28 2.48
C LYS A 378 -34.60 5.28 3.67
N PHE A 379 -34.43 6.22 4.60
CA PHE A 379 -35.39 6.34 5.69
C PHE A 379 -36.71 6.93 5.21
N ILE A 380 -36.64 8.03 4.46
CA ILE A 380 -37.86 8.78 4.21
C ILE A 380 -38.68 8.19 3.06
N LYS A 381 -38.09 7.33 2.23
CA LYS A 381 -38.78 6.90 1.00
C LYS A 381 -40.03 6.05 1.24
N PRO A 382 -40.04 5.00 2.09
CA PRO A 382 -41.32 4.32 2.34
C PRO A 382 -42.32 5.15 3.13
N ILE A 383 -41.84 6.16 3.86
CA ILE A 383 -42.73 6.97 4.70
C ILE A 383 -43.62 7.84 3.84
N LEU A 384 -43.05 8.49 2.82
CA LEU A 384 -43.91 9.25 1.93
C LEU A 384 -44.41 8.43 0.75
N GLU A 385 -43.90 7.20 0.59
CA GLU A 385 -44.55 6.29 -0.34
C GLU A 385 -45.86 5.75 0.24
N LYS A 386 -45.96 5.69 1.58
CA LYS A 386 -47.18 5.20 2.20
C LYS A 386 -48.27 6.25 2.23
N MET A 387 -47.91 7.53 2.26
CA MET A 387 -48.90 8.60 2.30
C MET A 387 -49.41 8.88 0.88
N ASP A 388 -50.25 9.90 0.75
CA ASP A 388 -50.85 10.25 -0.53
C ASP A 388 -50.60 11.72 -0.84
N GLY A 389 -50.40 12.03 -2.11
CA GLY A 389 -50.15 13.39 -2.53
C GLY A 389 -48.68 13.75 -2.66
N THR A 390 -47.81 12.76 -2.89
CA THR A 390 -46.37 13.00 -2.91
C THR A 390 -45.76 12.52 -4.22
N GLU A 391 -46.38 12.88 -5.35
CA GLU A 391 -45.89 12.40 -6.63
C GLU A 391 -44.61 13.10 -7.04
N GLU A 392 -44.60 14.43 -6.98
CA GLU A 392 -43.44 15.21 -7.40
C GLU A 392 -42.25 15.00 -6.48
N LEU A 393 -42.50 14.73 -5.20
CA LEU A 393 -41.41 14.45 -4.28
C LEU A 393 -40.77 13.11 -4.57
N LEU A 394 -41.57 12.12 -4.99
CA LEU A 394 -40.98 10.85 -5.42
C LEU A 394 -40.25 11.00 -6.75
N VAL A 395 -40.73 11.89 -7.62
CA VAL A 395 -40.01 12.17 -8.86
C VAL A 395 -38.66 12.80 -8.56
N LYS A 396 -38.63 13.75 -7.64
CA LYS A 396 -37.37 14.41 -7.27
C LYS A 396 -36.44 13.47 -6.53
N LEU A 397 -36.99 12.56 -5.71
CA LEU A 397 -36.15 11.60 -5.01
C LEU A 397 -35.60 10.56 -5.96
N ASN A 398 -36.32 10.24 -7.03
CA ASN A 398 -35.77 9.39 -8.07
C ASN A 398 -34.86 10.15 -9.02
N ARG A 399 -34.74 11.47 -8.86
CA ARG A 399 -33.78 12.27 -9.60
C ARG A 399 -32.68 12.80 -8.70
N GLU A 400 -32.71 12.49 -7.40
CA GLU A 400 -31.71 12.87 -6.40
C GLU A 400 -31.58 14.40 -6.30
N ASP A 401 -32.72 15.07 -6.21
CA ASP A 401 -32.76 16.52 -6.12
C ASP A 401 -33.78 16.96 -5.10
N LEU A 402 -33.92 16.21 -4.02
CA LEU A 402 -34.88 16.50 -2.97
C LEU A 402 -34.16 16.90 -1.70
N LEU A 403 -34.43 18.11 -1.22
CA LEU A 403 -33.91 18.66 0.04
C LEU A 403 -32.38 18.65 0.07
N ARG A 404 -31.78 19.11 -1.02
CA ARG A 404 -30.35 19.02 -1.19
C ARG A 404 -29.64 20.17 -0.50
N LYS A 405 -28.38 19.95 -0.16
CA LYS A 405 -27.54 20.97 0.45
C LYS A 405 -26.67 21.64 -0.61
N GLN A 406 -26.04 22.75 -0.21
CA GLN A 406 -25.14 23.43 -1.13
C GLN A 406 -23.79 22.74 -1.20
N ARG A 407 -23.08 22.69 -0.08
CA ARG A 407 -21.77 22.05 -0.02
C ARG A 407 -21.95 20.57 0.25
N THR A 408 -21.62 19.73 -0.73
CA THR A 408 -21.84 18.30 -0.59
C THR A 408 -20.71 17.56 -1.27
N PHE A 409 -20.86 16.25 -1.42
CA PHE A 409 -19.74 15.39 -1.77
C PHE A 409 -19.40 15.42 -3.25
N ASP A 410 -20.38 15.68 -4.12
CA ASP A 410 -20.13 15.59 -5.56
C ASP A 410 -19.85 16.95 -6.19
N ASN A 411 -19.45 17.93 -5.39
CA ASN A 411 -19.03 19.22 -5.94
C ASN A 411 -17.61 19.22 -6.46
N GLY A 412 -16.93 18.07 -6.46
CA GLY A 412 -15.55 18.00 -6.90
C GLY A 412 -15.35 18.11 -8.40
N SER A 413 -16.42 18.10 -9.17
CA SER A 413 -16.33 18.20 -10.62
C SER A 413 -16.28 19.65 -11.10
N ILE A 414 -16.32 20.62 -10.19
CA ILE A 414 -16.33 22.03 -10.57
C ILE A 414 -14.92 22.46 -10.95
N PRO A 415 -14.67 22.86 -12.18
CA PRO A 415 -13.34 23.34 -12.55
C PRO A 415 -13.12 24.77 -12.08
N HIS A 416 -11.85 25.15 -11.96
CA HIS A 416 -11.51 26.43 -11.36
C HIS A 416 -11.79 27.61 -12.26
N GLN A 417 -12.09 27.38 -13.54
CA GLN A 417 -12.37 28.48 -14.45
C GLN A 417 -13.67 29.19 -14.11
N ILE A 418 -14.61 28.49 -13.46
CA ILE A 418 -15.86 29.13 -13.05
C ILE A 418 -15.61 30.17 -11.96
N HIS A 419 -14.86 29.77 -10.93
CA HIS A 419 -14.48 30.69 -9.87
C HIS A 419 -13.59 31.81 -10.41
N LEU A 420 -12.75 31.50 -11.40
CA LEU A 420 -11.91 32.52 -12.01
C LEU A 420 -12.75 33.55 -12.76
N GLY A 421 -13.80 33.09 -13.44
CA GLY A 421 -14.69 34.02 -14.12
C GLY A 421 -15.46 34.90 -13.16
N GLU A 422 -15.93 34.31 -12.05
CA GLU A 422 -16.64 35.11 -11.05
C GLU A 422 -15.73 36.14 -10.39
N LEU A 423 -14.48 35.75 -10.13
CA LEU A 423 -13.52 36.67 -9.52
C LEU A 423 -13.18 37.81 -10.46
N HIS A 424 -12.94 37.50 -11.74
CA HIS A 424 -12.64 38.55 -12.70
C HIS A 424 -13.84 39.47 -12.90
N ALA A 425 -15.05 38.92 -12.79
CA ALA A 425 -16.26 39.73 -12.94
C ALA A 425 -16.39 40.72 -11.79
N ILE A 426 -16.21 40.28 -10.55
CA ILE A 426 -16.40 41.22 -9.44
C ILE A 426 -15.26 42.22 -9.37
N LEU A 427 -14.05 41.83 -9.82
CA LEU A 427 -12.96 42.79 -9.86
C LEU A 427 -13.19 43.85 -10.92
N ARG A 428 -13.67 43.45 -12.10
CA ARG A 428 -13.96 44.42 -13.15
C ARG A 428 -15.16 45.28 -12.80
N ARG A 429 -16.06 44.78 -11.95
CA ARG A 429 -17.18 45.60 -11.51
C ARG A 429 -16.73 46.67 -10.52
N GLN A 430 -16.05 46.27 -9.45
CA GLN A 430 -15.74 47.19 -8.37
C GLN A 430 -14.36 47.82 -8.48
N GLU A 431 -13.69 47.69 -9.62
CA GLU A 431 -12.40 48.36 -9.78
C GLU A 431 -12.52 49.87 -9.94
N ASP A 432 -13.69 50.37 -10.30
CA ASP A 432 -13.82 51.81 -10.55
C ASP A 432 -13.88 52.58 -9.25
N PHE A 433 -14.53 52.03 -8.22
CA PHE A 433 -14.68 52.75 -6.96
C PHE A 433 -13.37 52.77 -6.17
N TYR A 434 -12.86 51.61 -5.88
CA TYR A 434 -11.61 51.56 -5.13
C TYR A 434 -10.43 51.53 -6.10
N PRO A 435 -9.44 52.40 -5.94
CA PRO A 435 -8.35 52.45 -6.91
C PRO A 435 -7.38 51.29 -6.78
N PHE A 436 -7.13 50.84 -5.55
CA PHE A 436 -6.13 49.81 -5.36
C PHE A 436 -6.60 48.43 -5.80
N LEU A 437 -7.89 48.24 -6.05
CA LEU A 437 -8.31 47.01 -6.70
C LEU A 437 -7.89 47.02 -8.17
N LYS A 438 -8.02 48.17 -8.84
CA LYS A 438 -7.56 48.28 -10.21
C LYS A 438 -6.04 48.31 -10.29
N ASP A 439 -5.37 48.66 -9.19
CA ASP A 439 -3.91 48.72 -9.20
C ASP A 439 -3.28 47.33 -9.31
N ASN A 440 -3.78 46.36 -8.55
CA ASN A 440 -3.15 45.04 -8.52
C ASN A 440 -4.19 43.93 -8.67
N ARG A 441 -5.05 44.06 -9.68
CA ARG A 441 -6.01 43.00 -10.00
C ARG A 441 -5.28 41.73 -10.43
N GLU A 442 -4.18 41.88 -11.18
CA GLU A 442 -3.48 40.72 -11.72
C GLU A 442 -2.79 39.92 -10.63
N LYS A 443 -2.39 40.58 -9.53
CA LYS A 443 -1.83 39.83 -8.40
C LYS A 443 -2.88 38.95 -7.74
N ILE A 444 -4.09 39.48 -7.55
CA ILE A 444 -5.16 38.71 -6.92
C ILE A 444 -5.60 37.57 -7.84
N GLU A 445 -5.63 37.81 -9.15
CA GLU A 445 -5.93 36.72 -10.07
C GLU A 445 -4.79 35.71 -10.14
N LYS A 446 -3.56 36.13 -9.90
CA LYS A 446 -2.44 35.21 -9.90
C LYS A 446 -2.45 34.32 -8.67
N ILE A 447 -2.95 34.83 -7.54
CA ILE A 447 -3.02 34.06 -6.30
C ILE A 447 -3.94 32.86 -6.47
N LEU A 448 -5.04 33.04 -7.20
CA LEU A 448 -6.01 31.97 -7.37
C LEU A 448 -5.49 30.87 -8.28
N THR A 449 -4.82 31.23 -9.36
CA THR A 449 -4.49 30.28 -10.42
C THR A 449 -3.10 29.67 -10.29
N PHE A 450 -2.31 30.09 -9.31
CA PHE A 450 -0.94 29.58 -9.20
C PHE A 450 -0.93 28.18 -8.62
N ARG A 451 -0.02 27.36 -9.13
CA ARG A 451 0.12 25.98 -8.68
C ARG A 451 1.55 25.54 -8.90
N ILE A 452 2.16 24.97 -7.88
CA ILE A 452 3.54 24.48 -8.01
C ILE A 452 3.57 23.27 -8.92
N PRO A 453 4.41 23.27 -9.97
CA PRO A 453 4.44 22.13 -10.87
C PRO A 453 5.02 20.90 -10.21
N TYR A 454 4.60 19.73 -10.71
CA TYR A 454 4.92 18.50 -10.03
C TYR A 454 6.37 18.09 -10.17
N TYR A 455 7.10 18.63 -11.14
CA TYR A 455 8.49 18.27 -11.27
C TYR A 455 9.41 19.17 -10.46
N VAL A 456 8.92 20.30 -9.96
CA VAL A 456 9.74 21.16 -9.12
C VAL A 456 9.89 20.57 -7.73
N GLY A 457 8.77 20.33 -7.06
CA GLY A 457 8.80 19.70 -5.76
C GLY A 457 8.69 20.70 -4.65
N PRO A 458 8.98 20.27 -3.42
CA PRO A 458 8.85 21.17 -2.26
C PRO A 458 9.95 22.22 -2.26
N LEU A 459 9.54 23.48 -2.09
CA LEU A 459 10.46 24.61 -2.17
C LEU A 459 11.27 24.70 -0.88
N ALA A 460 12.32 23.88 -0.81
CA ALA A 460 13.17 23.86 0.37
C ALA A 460 14.35 24.79 0.19
N ARG A 461 15.23 24.81 1.19
CA ARG A 461 16.48 25.55 1.17
C ARG A 461 17.61 24.67 1.67
N GLY A 462 17.66 23.45 1.15
CA GLY A 462 18.75 22.55 1.48
C GLY A 462 18.68 21.95 2.86
N ASN A 463 17.49 21.80 3.42
CA ASN A 463 17.33 21.17 4.72
C ASN A 463 16.25 20.11 4.74
N SER A 464 15.68 19.78 3.59
CA SER A 464 14.65 18.76 3.50
C SER A 464 15.28 17.41 3.17
N ARG A 465 14.44 16.39 3.09
CA ARG A 465 14.87 15.05 2.70
C ARG A 465 14.27 14.60 1.38
N PHE A 466 13.23 15.27 0.89
CA PHE A 466 12.55 14.88 -0.33
C PHE A 466 12.67 15.91 -1.43
N ALA A 467 13.47 16.95 -1.23
CA ALA A 467 13.52 18.04 -2.19
C ALA A 467 14.65 17.84 -3.20
N TRP A 468 14.44 18.38 -4.40
CA TRP A 468 15.47 18.38 -5.43
C TRP A 468 15.55 19.74 -6.12
N MET A 469 14.85 20.74 -5.62
CA MET A 469 14.76 22.03 -6.28
C MET A 469 16.07 22.78 -6.18
N THR A 470 16.42 23.51 -7.24
CA THR A 470 17.58 24.39 -7.24
C THR A 470 17.16 25.80 -7.59
N ARG A 471 17.79 26.77 -6.96
CA ARG A 471 17.42 28.17 -7.14
C ARG A 471 18.50 28.91 -7.92
N LYS A 472 18.07 29.94 -8.64
CA LYS A 472 19.00 30.86 -9.29
C LYS A 472 19.40 32.01 -8.38
N SER A 473 18.79 32.12 -7.21
CA SER A 473 19.05 33.23 -6.30
C SER A 473 18.79 32.75 -4.88
N GLU A 474 18.67 33.69 -3.95
CA GLU A 474 18.35 33.37 -2.56
C GLU A 474 17.39 34.45 -2.06
N GLU A 475 16.09 34.18 -2.18
CA GLU A 475 15.08 35.12 -1.74
C GLU A 475 13.81 34.33 -1.43
N THR A 476 12.76 35.04 -1.04
CA THR A 476 11.49 34.42 -0.73
C THR A 476 10.70 34.19 -2.01
N ILE A 477 10.06 33.03 -2.09
CA ILE A 477 9.37 32.61 -3.31
C ILE A 477 7.89 32.93 -3.13
N THR A 478 7.51 34.13 -3.52
CA THR A 478 6.11 34.48 -3.64
C THR A 478 5.60 33.92 -4.97
N PRO A 479 4.27 33.83 -5.18
CA PRO A 479 3.78 33.37 -6.49
C PRO A 479 4.05 34.34 -7.62
N TRP A 480 4.41 35.59 -7.34
CA TRP A 480 4.64 36.53 -8.43
C TRP A 480 6.03 36.42 -9.01
N ASN A 481 7.03 36.10 -8.19
CA ASN A 481 8.40 35.97 -8.66
C ASN A 481 8.86 34.53 -8.64
N PHE A 482 7.97 33.60 -8.99
CA PHE A 482 8.34 32.19 -9.01
C PHE A 482 9.29 31.90 -10.15
N GLU A 483 8.89 32.19 -11.38
CA GLU A 483 9.71 31.91 -12.55
C GLU A 483 10.93 32.80 -12.67
N GLU A 484 11.06 33.82 -11.83
CA GLU A 484 12.27 34.63 -11.78
C GLU A 484 13.24 34.16 -10.70
N VAL A 485 12.95 33.05 -10.03
CA VAL A 485 13.80 32.58 -8.94
C VAL A 485 14.24 31.15 -9.20
N VAL A 486 13.30 30.24 -9.38
CA VAL A 486 13.61 28.83 -9.49
C VAL A 486 14.01 28.50 -10.92
N ASP A 487 15.08 27.75 -11.09
CA ASP A 487 15.50 27.25 -12.38
C ASP A 487 14.64 26.04 -12.73
N LYS A 488 13.74 26.21 -13.70
CA LYS A 488 12.81 25.14 -14.01
C LYS A 488 13.45 24.01 -14.80
N GLY A 489 14.43 24.32 -15.65
CA GLY A 489 15.00 23.29 -16.50
C GLY A 489 15.87 22.30 -15.73
N ALA A 490 16.76 22.82 -14.88
CA ALA A 490 17.65 21.94 -14.12
C ALA A 490 16.87 21.14 -13.09
N SER A 491 15.85 21.75 -12.48
CA SER A 491 15.02 21.03 -11.54
C SER A 491 14.18 19.97 -12.24
N ALA A 492 13.70 20.26 -13.45
CA ALA A 492 12.94 19.27 -14.20
C ALA A 492 13.81 18.13 -14.67
N GLN A 493 15.09 18.38 -14.91
CA GLN A 493 16.01 17.30 -15.26
C GLN A 493 16.33 16.45 -14.04
N SER A 494 16.57 17.10 -12.89
CA SER A 494 16.89 16.37 -11.67
C SER A 494 15.68 15.62 -11.11
N PHE A 495 14.47 16.02 -11.51
CA PHE A 495 13.29 15.27 -11.12
C PHE A 495 13.30 13.87 -11.72
N ILE A 496 13.77 13.75 -12.96
CA ILE A 496 13.81 12.45 -13.61
C ILE A 496 15.08 11.70 -13.22
N GLU A 497 16.22 12.40 -13.21
CA GLU A 497 17.51 11.73 -13.07
C GLU A 497 17.74 11.14 -11.68
N ARG A 498 17.01 11.60 -10.67
CA ARG A 498 17.19 11.07 -9.32
C ARG A 498 16.53 9.71 -9.13
N MET A 499 15.71 9.26 -10.07
CA MET A 499 14.96 8.01 -9.92
C MET A 499 15.55 6.85 -10.70
N THR A 500 16.20 7.13 -11.83
CA THR A 500 16.61 6.08 -12.75
C THR A 500 17.78 5.28 -12.20
N ASN A 501 17.98 4.11 -12.79
CA ASN A 501 19.00 3.18 -12.32
C ASN A 501 20.37 3.59 -12.81
N PHE A 502 21.36 2.78 -12.48
CA PHE A 502 22.69 2.82 -13.08
C PHE A 502 22.88 1.56 -13.90
N ASP A 503 23.90 1.56 -14.75
CA ASP A 503 24.24 0.36 -15.51
C ASP A 503 24.78 -0.69 -14.55
N LYS A 504 24.17 -1.87 -14.54
CA LYS A 504 24.53 -2.91 -13.58
C LYS A 504 25.89 -3.54 -13.86
N ASN A 505 26.50 -3.25 -15.00
CA ASN A 505 27.85 -3.69 -15.31
C ASN A 505 28.88 -2.58 -15.15
N LEU A 506 28.49 -1.32 -15.39
CA LEU A 506 29.35 -0.17 -15.18
C LEU A 506 28.63 0.75 -14.20
N PRO A 507 28.91 0.64 -12.89
CA PRO A 507 28.07 1.27 -11.88
C PRO A 507 28.24 2.78 -11.73
N ASN A 508 28.91 3.45 -12.67
CA ASN A 508 29.03 4.91 -12.61
C ASN A 508 28.34 5.61 -13.77
N GLU A 509 27.84 4.88 -14.75
CA GLU A 509 27.22 5.47 -15.93
C GLU A 509 25.70 5.39 -15.83
N LYS A 510 25.03 6.39 -16.39
CA LYS A 510 23.59 6.44 -16.41
C LYS A 510 23.05 5.68 -17.63
N VAL A 511 21.82 5.21 -17.51
CA VAL A 511 21.24 4.27 -18.45
C VAL A 511 20.65 5.03 -19.63
N LEU A 512 20.69 4.41 -20.81
CA LEU A 512 20.19 4.94 -22.06
C LEU A 512 18.66 4.99 -22.06
N PRO A 513 18.07 5.88 -22.85
CA PRO A 513 16.61 5.83 -23.05
C PRO A 513 16.20 4.58 -23.80
N LYS A 514 14.95 4.18 -23.58
CA LYS A 514 14.47 2.93 -24.18
C LYS A 514 14.24 3.06 -25.67
N HIS A 515 13.68 4.19 -26.10
CA HIS A 515 13.39 4.43 -27.51
C HIS A 515 14.54 5.09 -28.24
N SER A 516 15.76 4.97 -27.74
CA SER A 516 16.91 5.52 -28.42
C SER A 516 17.23 4.71 -29.66
N LEU A 517 18.03 5.32 -30.55
CA LEU A 517 18.39 4.64 -31.79
C LEU A 517 19.42 3.55 -31.56
N LEU A 518 20.44 3.82 -30.74
CA LEU A 518 21.50 2.85 -30.51
C LEU A 518 20.99 1.64 -29.76
N TYR A 519 20.04 1.85 -28.84
CA TYR A 519 19.44 0.74 -28.12
C TYR A 519 18.63 -0.16 -29.05
N GLU A 520 17.88 0.43 -29.98
CA GLU A 520 17.10 -0.36 -30.92
C GLU A 520 18.01 -1.13 -31.88
N TYR A 521 19.09 -0.48 -32.33
CA TYR A 521 20.08 -1.16 -33.17
C TYR A 521 20.71 -2.34 -32.43
N PHE A 522 21.00 -2.14 -31.15
CA PHE A 522 21.61 -3.20 -30.34
C PHE A 522 20.67 -4.38 -30.19
N THR A 523 19.40 -4.12 -29.88
CA THR A 523 18.44 -5.22 -29.70
C THR A 523 18.18 -5.95 -31.01
N VAL A 524 18.09 -5.22 -32.13
CA VAL A 524 17.75 -5.91 -33.37
C VAL A 524 18.95 -6.70 -33.91
N TYR A 525 20.18 -6.22 -33.67
CA TYR A 525 21.34 -7.01 -34.09
C TYR A 525 21.56 -8.20 -33.16
N ASN A 526 21.25 -8.04 -31.87
CA ASN A 526 21.36 -9.16 -30.96
C ASN A 526 20.29 -10.21 -31.24
N GLU A 527 19.16 -9.80 -31.80
CA GLU A 527 18.18 -10.79 -32.24
C GLU A 527 18.61 -11.45 -33.55
N LEU A 528 19.23 -10.70 -34.46
CA LEU A 528 19.52 -11.24 -35.77
C LEU A 528 20.79 -12.09 -35.82
N THR A 529 21.72 -11.89 -34.89
CA THR A 529 23.02 -12.55 -34.98
C THR A 529 23.02 -13.95 -34.33
N LYS A 530 21.85 -14.58 -34.23
CA LYS A 530 21.82 -15.96 -33.77
C LYS A 530 20.84 -16.80 -34.58
N VAL A 531 20.31 -16.28 -35.68
CA VAL A 531 19.36 -17.03 -36.49
C VAL A 531 20.13 -18.05 -37.34
N LYS A 532 19.50 -19.20 -37.60
CA LYS A 532 20.09 -20.27 -38.38
C LYS A 532 19.15 -20.63 -39.52
N TYR A 533 19.70 -20.75 -40.72
CA TYR A 533 18.95 -21.12 -41.91
C TYR A 533 19.53 -22.39 -42.51
N VAL A 534 18.65 -23.25 -43.02
CA VAL A 534 19.03 -24.45 -43.75
C VAL A 534 18.31 -24.42 -45.09
N THR A 535 19.03 -24.77 -46.16
CA THR A 535 18.54 -24.62 -47.51
C THR A 535 18.82 -25.93 -48.25
N GLU A 536 18.72 -25.89 -49.58
CA GLU A 536 18.86 -27.09 -50.38
C GLU A 536 20.30 -27.60 -50.36
N GLY A 537 21.28 -26.70 -50.48
CA GLY A 537 22.66 -27.11 -50.48
C GLY A 537 23.35 -26.94 -49.14
N MET A 538 22.64 -27.25 -48.06
CA MET A 538 23.12 -27.03 -46.70
C MET A 538 23.20 -28.39 -46.00
N ARG A 539 24.41 -28.94 -45.90
CA ARG A 539 24.61 -30.16 -45.12
C ARG A 539 24.59 -29.85 -43.63
N LYS A 540 25.52 -29.02 -43.17
CA LYS A 540 25.47 -28.53 -41.81
C LYS A 540 24.98 -27.09 -41.80
N PRO A 541 24.12 -26.73 -40.84
CA PRO A 541 23.55 -25.37 -40.82
C PRO A 541 24.61 -24.33 -40.47
N ALA A 542 24.32 -23.08 -40.85
CA ALA A 542 25.24 -21.99 -40.63
C ALA A 542 24.47 -20.72 -40.30
N PHE A 543 25.18 -19.77 -39.71
CA PHE A 543 24.63 -18.46 -39.41
C PHE A 543 24.68 -17.58 -40.65
N LEU A 544 24.30 -16.32 -40.52
CA LEU A 544 24.26 -15.44 -41.68
C LEU A 544 25.63 -14.80 -41.90
N SER A 545 25.68 -13.90 -42.89
CA SER A 545 26.88 -13.18 -43.24
C SER A 545 26.72 -11.70 -42.91
N GLY A 546 27.85 -11.00 -42.79
CA GLY A 546 27.82 -9.59 -42.47
C GLY A 546 27.16 -8.75 -43.54
N GLU A 547 27.42 -9.06 -44.81
CA GLU A 547 26.73 -8.38 -45.89
C GLU A 547 25.26 -8.78 -45.94
N GLN A 548 24.96 -10.04 -45.61
CA GLN A 548 23.56 -10.48 -45.57
C GLN A 548 22.80 -9.80 -44.44
N LYS A 549 23.41 -9.71 -43.25
CA LYS A 549 22.78 -9.02 -42.14
C LYS A 549 22.73 -7.51 -42.36
N LYS A 550 23.61 -6.97 -43.20
CA LYS A 550 23.51 -5.56 -43.55
C LYS A 550 22.34 -5.32 -44.50
N ALA A 551 22.20 -6.17 -45.51
CA ALA A 551 21.13 -5.99 -46.49
C ALA A 551 19.76 -6.28 -45.91
N ILE A 552 19.69 -7.19 -44.92
CA ILE A 552 18.41 -7.50 -44.30
C ILE A 552 17.88 -6.30 -43.51
N VAL A 553 18.75 -5.69 -42.70
CA VAL A 553 18.33 -4.52 -41.94
C VAL A 553 18.21 -3.29 -42.83
N ASP A 554 18.82 -3.32 -44.03
CA ASP A 554 18.61 -2.22 -44.96
C ASP A 554 17.29 -2.36 -45.71
N LEU A 555 16.80 -3.59 -45.89
CA LEU A 555 15.66 -3.82 -46.78
C LEU A 555 14.31 -3.80 -46.05
N LEU A 556 14.11 -4.72 -45.11
CA LEU A 556 12.76 -4.95 -44.59
C LEU A 556 12.53 -4.39 -43.20
N PHE A 557 13.57 -4.28 -42.37
CA PHE A 557 13.40 -3.69 -41.04
C PHE A 557 13.13 -2.20 -41.12
N LYS A 558 13.76 -1.51 -42.07
CA LYS A 558 13.61 -0.07 -42.20
C LYS A 558 12.41 0.32 -43.05
N THR A 559 11.53 -0.62 -43.39
CA THR A 559 10.35 -0.32 -44.20
C THR A 559 9.05 -0.83 -43.60
N ASN A 560 9.08 -1.63 -42.55
CA ASN A 560 7.87 -2.14 -41.90
C ASN A 560 7.97 -1.91 -40.40
N ARG A 561 6.82 -1.79 -39.75
CA ARG A 561 6.80 -1.65 -38.30
C ARG A 561 7.21 -2.95 -37.63
N LYS A 562 6.44 -4.01 -37.85
CA LYS A 562 6.77 -5.34 -37.34
C LYS A 562 6.77 -6.33 -38.51
N VAL A 563 7.70 -7.27 -38.46
CA VAL A 563 7.84 -8.24 -39.54
C VAL A 563 7.57 -9.63 -39.00
N THR A 564 7.34 -10.57 -39.92
CA THR A 564 7.05 -11.96 -39.59
C THR A 564 8.13 -12.87 -40.14
N VAL A 565 8.06 -14.14 -39.74
CA VAL A 565 8.98 -15.13 -40.31
C VAL A 565 8.58 -15.47 -41.73
N LYS A 566 7.28 -15.45 -42.03
CA LYS A 566 6.82 -15.76 -43.37
C LYS A 566 7.17 -14.65 -44.34
N GLN A 567 7.06 -13.40 -43.90
CA GLN A 567 7.48 -12.28 -44.74
C GLN A 567 8.99 -12.28 -44.96
N LEU A 568 9.75 -12.76 -43.97
CA LEU A 568 11.20 -12.87 -44.15
C LEU A 568 11.55 -13.99 -45.11
N LYS A 569 10.77 -15.08 -45.08
CA LYS A 569 11.05 -16.19 -45.98
C LYS A 569 10.60 -15.89 -47.41
N GLU A 570 9.58 -15.06 -47.57
CA GLU A 570 9.03 -14.80 -48.90
C GLU A 570 9.60 -13.55 -49.54
N ASP A 571 9.51 -12.41 -48.85
CA ASP A 571 9.79 -11.12 -49.49
C ASP A 571 11.27 -10.90 -49.74
N TYR A 572 12.14 -11.40 -48.86
CA TYR A 572 13.57 -11.23 -49.10
C TYR A 572 14.12 -12.30 -50.03
N PHE A 573 13.72 -13.55 -49.81
CA PHE A 573 14.26 -14.67 -50.58
C PHE A 573 13.59 -14.81 -51.96
N LYS A 574 12.64 -13.95 -52.30
CA LYS A 574 12.23 -13.84 -53.68
C LYS A 574 13.31 -13.16 -54.52
N LYS A 575 14.08 -12.26 -53.90
CA LYS A 575 15.21 -11.61 -54.56
C LYS A 575 16.51 -12.40 -54.41
N ILE A 576 16.47 -13.57 -53.78
CA ILE A 576 17.64 -14.42 -53.63
C ILE A 576 17.38 -15.73 -54.36
N GLU A 577 18.42 -16.26 -55.01
CA GLU A 577 18.25 -17.49 -55.78
C GLU A 577 18.12 -18.70 -54.87
N CYS A 578 18.91 -18.75 -53.80
CA CYS A 578 18.92 -19.89 -52.90
C CYS A 578 17.75 -19.74 -51.93
N PHE A 579 16.59 -20.31 -52.29
CA PHE A 579 15.40 -20.15 -51.47
C PHE A 579 14.54 -21.41 -51.39
N ASP A 580 15.04 -22.56 -51.85
CA ASP A 580 14.17 -23.68 -52.23
C ASP A 580 13.49 -24.32 -51.02
N SER A 581 14.27 -24.89 -50.11
CA SER A 581 13.73 -25.54 -48.92
C SER A 581 14.29 -24.78 -47.71
N VAL A 582 13.63 -23.68 -47.37
CA VAL A 582 14.11 -22.83 -46.29
C VAL A 582 13.58 -23.35 -44.97
N GLU A 583 14.48 -23.60 -44.03
CA GLU A 583 14.12 -24.00 -42.67
C GLU A 583 14.89 -23.10 -41.71
N ILE A 584 14.16 -22.25 -40.99
CA ILE A 584 14.77 -21.23 -40.15
C ILE A 584 14.50 -21.58 -38.71
N SER A 585 15.57 -21.81 -37.95
CA SER A 585 15.46 -22.24 -36.57
C SER A 585 15.80 -21.11 -35.61
N GLY A 586 15.55 -21.35 -34.33
CA GLY A 586 15.91 -20.40 -33.29
C GLY A 586 15.02 -19.19 -33.17
N VAL A 587 13.98 -19.06 -33.99
CA VAL A 587 13.11 -17.90 -34.00
C VAL A 587 11.67 -18.41 -34.05
N GLU A 588 10.72 -17.50 -33.87
CA GLU A 588 9.30 -17.80 -33.93
C GLU A 588 8.67 -17.04 -35.08
N ASP A 589 7.33 -17.04 -35.11
CA ASP A 589 6.58 -16.59 -36.29
C ASP A 589 6.76 -15.12 -36.59
N ARG A 590 7.00 -14.29 -35.58
CA ARG A 590 7.20 -12.87 -35.81
C ARG A 590 8.39 -12.38 -35.00
N PHE A 591 8.87 -11.20 -35.34
CA PHE A 591 10.03 -10.61 -34.68
C PHE A 591 9.59 -9.78 -33.48
N ASN A 592 10.27 -9.98 -32.36
CA ASN A 592 9.99 -9.26 -31.13
C ASN A 592 10.94 -8.08 -30.92
N ALA A 593 11.41 -7.47 -32.00
CA ALA A 593 12.24 -6.28 -31.94
C ALA A 593 12.01 -5.48 -33.21
N SER A 594 12.06 -4.16 -33.08
CA SER A 594 11.66 -3.31 -34.19
C SER A 594 12.31 -1.94 -34.08
N LEU A 595 12.53 -1.32 -35.23
CA LEU A 595 13.05 0.05 -35.29
C LEU A 595 11.91 1.04 -35.50
N GLY A 596 10.98 1.03 -34.54
CA GLY A 596 9.79 1.87 -34.67
C GLY A 596 10.08 3.34 -34.55
N THR A 597 11.10 3.69 -33.76
CA THR A 597 11.51 5.10 -33.64
C THR A 597 12.08 5.61 -34.96
N TYR A 598 12.77 4.74 -35.70
CA TYR A 598 13.23 5.09 -37.03
C TYR A 598 12.07 5.32 -37.98
N HIS A 599 10.98 4.56 -37.82
CA HIS A 599 9.82 4.75 -38.67
C HIS A 599 9.10 6.05 -38.37
N ASP A 600 8.95 6.38 -37.08
CA ASP A 600 8.35 7.65 -36.72
C ASP A 600 9.21 8.82 -37.13
N LEU A 601 10.54 8.66 -37.09
CA LEU A 601 11.40 9.75 -37.51
C LEU A 601 11.41 9.91 -39.03
N LEU A 602 11.31 8.83 -39.80
CA LEU A 602 11.23 9.01 -41.24
C LEU A 602 9.87 9.54 -41.66
N LYS A 603 8.83 9.24 -40.87
CA LYS A 603 7.52 9.83 -41.13
C LYS A 603 7.52 11.32 -40.85
N ILE A 604 8.18 11.73 -39.77
CA ILE A 604 8.18 13.14 -39.39
C ILE A 604 9.13 13.94 -40.29
N ILE A 605 10.40 13.56 -40.33
CA ILE A 605 11.41 14.40 -40.99
C ILE A 605 11.40 14.24 -42.51
N LYS A 606 10.80 13.15 -43.02
CA LYS A 606 10.69 12.84 -44.46
C LYS A 606 12.06 12.84 -45.15
N ASP A 607 13.01 12.15 -44.54
CA ASP A 607 14.36 12.03 -45.10
C ASP A 607 15.00 10.76 -44.59
N LYS A 608 15.74 10.08 -45.47
CA LYS A 608 16.54 8.93 -45.08
C LYS A 608 18.03 9.22 -45.07
N ASP A 609 18.46 10.31 -45.74
CA ASP A 609 19.87 10.63 -45.79
C ASP A 609 20.40 11.13 -44.45
N PHE A 610 19.55 11.76 -43.65
CA PHE A 610 19.97 12.26 -42.35
C PHE A 610 20.12 11.12 -41.35
N LEU A 611 19.20 10.17 -41.37
CA LEU A 611 19.24 9.05 -40.45
C LEU A 611 20.12 7.91 -40.94
N ASP A 612 20.56 7.93 -42.19
CA ASP A 612 21.47 6.92 -42.68
C ASP A 612 22.93 7.26 -42.42
N ASN A 613 23.25 8.54 -42.27
CA ASN A 613 24.63 8.95 -42.05
C ASN A 613 25.06 8.63 -40.62
N GLU A 614 26.37 8.64 -40.40
CA GLU A 614 26.93 8.42 -39.08
C GLU A 614 27.36 9.70 -38.39
N GLU A 615 27.72 10.73 -39.17
CA GLU A 615 28.16 11.99 -38.59
C GLU A 615 27.03 12.75 -37.91
N ASN A 616 25.78 12.42 -38.23
CA ASN A 616 24.65 12.99 -37.51
C ASN A 616 24.35 12.25 -36.21
N GLU A 617 25.01 11.10 -35.99
CA GLU A 617 24.51 10.04 -35.11
C GLU A 617 24.32 10.52 -33.68
N ASP A 618 25.37 11.12 -33.10
CA ASP A 618 25.32 11.58 -31.72
C ASP A 618 24.25 12.66 -31.54
N ILE A 619 24.05 13.50 -32.56
CA ILE A 619 23.01 14.52 -32.53
C ILE A 619 21.65 13.87 -32.36
N LEU A 620 21.41 12.78 -33.10
CA LEU A 620 20.15 12.05 -32.99
C LEU A 620 19.96 11.51 -31.58
N GLU A 621 21.06 11.03 -30.96
CA GLU A 621 21.01 10.54 -29.59
C GLU A 621 20.50 11.62 -28.66
N ASP A 622 21.03 12.84 -28.85
CA ASP A 622 20.70 13.93 -27.95
C ASP A 622 19.23 14.31 -28.07
N ILE A 623 18.67 14.21 -29.29
CA ILE A 623 17.31 14.70 -29.43
C ILE A 623 16.35 13.72 -28.77
N VAL A 624 16.71 12.43 -28.75
CA VAL A 624 15.86 11.45 -28.10
C VAL A 624 15.88 11.69 -26.60
N LEU A 625 17.03 12.14 -26.08
CA LEU A 625 17.15 12.44 -24.66
C LEU A 625 16.20 13.55 -24.27
N THR A 626 16.07 14.57 -25.13
CA THR A 626 15.17 15.67 -24.81
C THR A 626 13.73 15.19 -24.82
N LEU A 627 13.39 14.32 -25.76
CA LEU A 627 12.03 13.82 -25.83
C LEU A 627 11.74 12.78 -24.76
N THR A 628 12.73 12.39 -23.96
CA THR A 628 12.45 11.57 -22.79
C THR A 628 12.41 12.41 -21.51
N LEU A 629 13.06 13.57 -21.50
CA LEU A 629 13.24 14.24 -20.23
C LEU A 629 12.12 15.22 -19.92
N PHE A 630 11.95 16.24 -20.75
CA PHE A 630 11.04 17.33 -20.45
C PHE A 630 9.72 17.07 -21.13
N GLU A 631 8.74 16.59 -20.37
CA GLU A 631 7.39 16.35 -20.90
C GLU A 631 6.47 17.52 -20.57
N ASP A 632 6.85 18.69 -21.08
CA ASP A 632 6.04 19.91 -20.96
C ASP A 632 6.50 20.85 -22.07
N ARG A 633 5.59 21.14 -23.02
CA ARG A 633 5.99 21.78 -24.26
C ARG A 633 6.17 23.29 -24.13
N GLU A 634 6.98 23.73 -23.18
CA GLU A 634 7.37 25.13 -23.08
C GLU A 634 8.88 25.22 -22.96
N MET A 635 9.48 24.21 -22.36
CA MET A 635 10.93 24.13 -22.23
C MET A 635 11.58 23.34 -23.35
N ILE A 636 10.80 22.54 -24.08
CA ILE A 636 11.36 21.77 -25.18
C ILE A 636 11.81 22.69 -26.30
N GLU A 637 11.11 23.79 -26.52
CA GLU A 637 11.54 24.77 -27.52
C GLU A 637 12.86 25.41 -27.13
N GLU A 638 13.03 25.74 -25.84
CA GLU A 638 14.29 26.31 -25.38
C GLU A 638 15.43 25.29 -25.43
N ARG A 639 15.13 24.02 -25.18
CA ARG A 639 16.16 23.01 -25.24
C ARG A 639 16.46 22.55 -26.65
N LEU A 640 15.58 22.86 -27.62
CA LEU A 640 15.69 22.30 -28.95
C LEU A 640 15.86 23.37 -30.02
N LYS A 641 15.96 24.65 -29.63
CA LYS A 641 16.20 25.73 -30.58
C LYS A 641 17.53 25.60 -31.32
N THR A 642 18.50 24.87 -30.76
CA THR A 642 19.80 24.74 -31.41
C THR A 642 19.77 23.84 -32.64
N TYR A 643 18.72 23.06 -32.83
CA TYR A 643 18.66 22.11 -33.94
C TYR A 643 17.63 22.50 -34.99
N ALA A 644 16.91 23.60 -34.80
CA ALA A 644 15.97 24.08 -35.81
C ALA A 644 16.66 24.81 -36.95
N HIS A 645 17.98 25.02 -36.86
CA HIS A 645 18.74 25.57 -37.97
C HIS A 645 19.10 24.53 -39.02
N LEU A 646 18.72 23.28 -38.83
CA LEU A 646 18.95 22.23 -39.81
C LEU A 646 17.66 21.67 -40.38
N PHE A 647 16.51 21.99 -39.80
CA PHE A 647 15.24 21.47 -40.23
C PHE A 647 14.28 22.61 -40.55
N ASP A 648 13.16 22.26 -41.18
CA ASP A 648 12.16 23.25 -41.56
C ASP A 648 11.33 23.68 -40.34
N ASP A 649 10.53 24.72 -40.54
CA ASP A 649 9.73 25.26 -39.45
C ASP A 649 8.49 24.41 -39.19
N LYS A 650 7.88 23.88 -40.25
CA LYS A 650 6.70 23.04 -40.09
C LYS A 650 7.06 21.72 -39.42
N VAL A 651 8.21 21.15 -39.77
CA VAL A 651 8.63 19.91 -39.13
C VAL A 651 9.11 20.17 -37.70
N MET A 652 9.55 21.41 -37.42
CA MET A 652 9.90 21.74 -36.04
C MET A 652 8.65 21.90 -35.19
N LYS A 653 7.59 22.44 -35.78
CA LYS A 653 6.32 22.54 -35.05
C LYS A 653 5.67 21.18 -34.88
N GLN A 654 5.84 20.29 -35.85
CA GLN A 654 5.30 18.93 -35.73
C GLN A 654 6.21 18.00 -34.95
N LEU A 655 7.42 18.44 -34.61
CA LEU A 655 8.38 17.61 -33.91
C LEU A 655 8.19 17.66 -32.38
N LYS A 656 7.85 18.82 -31.85
CA LYS A 656 7.74 18.98 -30.40
C LYS A 656 6.50 18.34 -29.81
N ARG A 657 5.60 17.80 -30.63
CA ARG A 657 4.47 17.04 -30.13
C ARG A 657 4.78 15.57 -29.91
N ARG A 658 6.00 15.15 -30.27
CA ARG A 658 6.42 13.78 -30.03
C ARG A 658 6.70 13.57 -28.55
N ARG A 659 6.37 12.38 -28.05
CA ARG A 659 6.57 12.08 -26.64
C ARG A 659 6.95 10.62 -26.47
N TYR A 660 8.01 10.37 -25.71
CA TYR A 660 8.47 9.03 -25.42
C TYR A 660 8.65 8.87 -23.92
N THR A 661 8.73 7.62 -23.48
CA THR A 661 8.96 7.32 -22.07
C THR A 661 9.63 5.96 -21.97
N GLY A 662 10.07 5.64 -20.76
CA GLY A 662 10.73 4.38 -20.52
C GLY A 662 12.23 4.47 -20.67
N TRP A 663 12.97 3.80 -19.82
CA TRP A 663 14.42 3.82 -19.84
C TRP A 663 14.95 2.39 -19.94
N GLY A 664 16.05 2.22 -20.66
CA GLY A 664 16.57 0.91 -20.97
C GLY A 664 17.26 0.20 -19.81
N ARG A 665 18.20 -0.70 -20.13
CA ARG A 665 18.89 -1.45 -19.10
C ARG A 665 20.40 -1.39 -19.22
N LEU A 666 20.95 -0.75 -20.25
CA LEU A 666 22.38 -0.66 -20.45
C LEU A 666 22.78 0.77 -20.76
N SER A 667 24.07 1.06 -20.63
CA SER A 667 24.60 2.39 -20.88
C SER A 667 25.40 2.42 -22.16
N ARG A 668 25.51 3.61 -22.75
CA ARG A 668 26.18 3.75 -24.03
C ARG A 668 27.69 3.61 -23.94
N LYS A 669 28.26 3.80 -22.74
CA LYS A 669 29.68 3.56 -22.56
C LYS A 669 30.01 2.07 -22.52
N LEU A 670 29.02 1.22 -22.33
CA LEU A 670 29.26 -0.22 -22.43
C LEU A 670 29.23 -0.70 -23.87
N ILE A 671 28.32 -0.16 -24.69
CA ILE A 671 28.15 -0.68 -26.04
C ILE A 671 28.93 0.11 -27.09
N ASN A 672 29.40 1.32 -26.77
CA ASN A 672 30.21 2.05 -27.74
C ASN A 672 31.36 2.81 -27.10
N GLY A 673 31.57 2.67 -25.79
CA GLY A 673 32.64 3.40 -25.14
C GLY A 673 33.93 2.62 -25.11
N ILE A 674 33.89 1.40 -24.58
CA ILE A 674 35.09 0.59 -24.46
C ILE A 674 35.34 -0.11 -25.79
N ARG A 675 36.58 -0.55 -25.96
CA ARG A 675 37.02 -1.30 -27.14
C ARG A 675 37.75 -2.54 -26.68
N ASP A 676 38.18 -3.35 -27.64
CA ASP A 676 39.04 -4.48 -27.33
C ASP A 676 40.49 -4.04 -27.49
N LYS A 677 41.42 -4.99 -27.32
CA LYS A 677 42.83 -4.64 -27.29
C LYS A 677 43.36 -4.33 -28.69
N GLN A 678 43.31 -5.31 -29.59
CA GLN A 678 43.89 -5.16 -30.92
C GLN A 678 42.85 -5.17 -32.02
N SER A 679 41.57 -5.25 -31.68
CA SER A 679 40.54 -5.34 -32.72
C SER A 679 40.28 -3.98 -33.35
N GLY A 680 40.15 -2.95 -32.52
CA GLY A 680 39.61 -1.69 -32.98
C GLY A 680 38.12 -1.68 -33.16
N LYS A 681 37.42 -2.67 -32.62
CA LYS A 681 35.99 -2.81 -32.77
C LYS A 681 35.30 -2.65 -31.42
N THR A 682 34.12 -2.02 -31.43
CA THR A 682 33.33 -1.85 -30.24
C THR A 682 32.45 -3.09 -30.02
N ILE A 683 31.48 -2.99 -29.13
CA ILE A 683 30.53 -4.06 -28.93
C ILE A 683 29.62 -4.19 -30.14
N LEU A 684 29.03 -3.08 -30.57
CA LEU A 684 28.14 -3.09 -31.73
C LEU A 684 28.87 -3.38 -33.02
N ASP A 685 30.17 -3.11 -33.08
CA ASP A 685 30.96 -3.51 -34.24
C ASP A 685 31.16 -5.02 -34.30
N PHE A 686 31.31 -5.67 -33.14
CA PHE A 686 31.29 -7.13 -33.13
C PHE A 686 29.90 -7.66 -33.45
N LEU A 687 28.85 -6.96 -33.04
CA LEU A 687 27.50 -7.43 -33.35
C LEU A 687 27.12 -7.23 -34.80
N LYS A 688 27.78 -6.30 -35.50
CA LYS A 688 27.53 -6.19 -36.93
C LYS A 688 28.22 -7.30 -37.71
N SER A 689 29.40 -7.73 -37.28
CA SER A 689 30.13 -8.81 -37.93
C SER A 689 31.12 -9.39 -36.94
N ASP A 690 31.14 -10.72 -36.80
CA ASP A 690 31.99 -11.36 -35.81
C ASP A 690 32.67 -12.59 -36.39
N GLY A 691 33.18 -12.46 -37.63
CA GLY A 691 33.88 -13.56 -38.27
C GLY A 691 32.99 -14.73 -38.65
N PHE A 692 33.13 -15.85 -37.94
CA PHE A 692 32.30 -17.01 -38.16
C PHE A 692 31.45 -17.40 -36.96
N ALA A 693 31.83 -16.96 -35.75
CA ALA A 693 31.13 -17.42 -34.56
C ALA A 693 29.77 -16.77 -34.39
N ASN A 694 29.64 -15.51 -34.83
CA ASN A 694 28.45 -14.68 -34.66
C ASN A 694 28.02 -14.62 -33.19
N ARG A 695 28.94 -14.13 -32.37
CA ARG A 695 28.74 -14.11 -30.93
C ARG A 695 27.68 -13.09 -30.53
N ASN A 696 26.85 -13.46 -29.56
CA ASN A 696 25.87 -12.55 -29.02
C ASN A 696 26.50 -11.80 -27.84
N PHE A 697 25.67 -11.09 -27.08
CA PHE A 697 26.18 -10.14 -26.08
C PHE A 697 26.82 -10.84 -24.90
N MET A 698 26.19 -11.92 -24.41
CA MET A 698 26.72 -12.62 -23.24
C MET A 698 28.01 -13.35 -23.58
N GLN A 699 28.09 -13.94 -24.77
CA GLN A 699 29.34 -14.56 -25.22
C GLN A 699 30.41 -13.52 -25.47
N LEU A 700 30.03 -12.28 -25.77
CA LEU A 700 31.02 -11.23 -25.91
C LEU A 700 31.59 -10.83 -24.56
N ILE A 701 30.73 -10.63 -23.56
CA ILE A 701 31.21 -10.10 -22.30
C ILE A 701 31.60 -11.20 -21.32
N HIS A 702 31.56 -12.45 -21.76
CA HIS A 702 32.08 -13.54 -20.95
C HIS A 702 33.26 -14.27 -21.57
N ASP A 703 33.76 -13.81 -22.71
CA ASP A 703 34.86 -14.49 -23.39
C ASP A 703 36.17 -14.16 -22.70
N ASP A 704 36.91 -15.19 -22.29
CA ASP A 704 38.21 -15.00 -21.68
C ASP A 704 39.29 -14.67 -22.68
N SER A 705 39.05 -14.87 -23.98
CA SER A 705 40.00 -14.54 -25.01
C SER A 705 40.02 -13.06 -25.36
N LEU A 706 39.12 -12.27 -24.78
CA LEU A 706 39.04 -10.85 -25.05
C LEU A 706 39.30 -10.08 -23.76
N THR A 707 39.13 -8.76 -23.83
CA THR A 707 39.40 -7.91 -22.68
C THR A 707 38.17 -7.15 -22.23
N PHE A 708 37.04 -7.85 -22.10
CA PHE A 708 35.83 -7.27 -21.58
C PHE A 708 35.57 -7.64 -20.13
N LYS A 709 35.85 -8.90 -19.76
CA LYS A 709 35.63 -9.36 -18.41
C LYS A 709 36.56 -8.66 -17.42
N GLU A 710 37.80 -8.40 -17.85
CA GLU A 710 38.74 -7.70 -16.98
C GLU A 710 38.36 -6.24 -16.81
N ASP A 711 37.81 -5.61 -17.85
CA ASP A 711 37.35 -4.22 -17.70
C ASP A 711 36.11 -4.13 -16.83
N ILE A 712 35.23 -5.15 -16.89
CA ILE A 712 34.09 -5.18 -15.99
C ILE A 712 34.53 -5.39 -14.55
N GLN A 713 35.51 -6.27 -14.33
CA GLN A 713 35.98 -6.55 -12.97
C GLN A 713 36.76 -5.38 -12.39
N LYS A 714 37.55 -4.70 -13.22
CA LYS A 714 38.24 -3.50 -12.76
C LYS A 714 37.29 -2.33 -12.62
N ALA A 715 36.12 -2.38 -13.26
CA ALA A 715 35.13 -1.34 -13.05
C ALA A 715 34.27 -1.64 -11.82
N GLN A 716 33.90 -2.90 -11.62
CA GLN A 716 33.08 -3.28 -10.48
C GLN A 716 33.91 -3.31 -9.20
N ASP A 722 30.70 -1.66 3.80
CA ASP A 722 30.09 -0.71 4.72
C ASP A 722 29.44 -1.43 5.90
N SER A 723 28.62 -0.69 6.65
CA SER A 723 27.95 -1.24 7.82
C SER A 723 26.85 -2.21 7.40
N LEU A 724 26.47 -3.08 8.34
CA LEU A 724 25.44 -4.07 8.05
C LEU A 724 24.07 -3.41 7.96
N HIS A 725 23.73 -2.58 8.94
CA HIS A 725 22.44 -1.90 8.92
C HIS A 725 22.39 -0.84 7.83
N GLU A 726 23.54 -0.27 7.46
CA GLU A 726 23.57 0.64 6.33
C GLU A 726 23.35 -0.09 5.02
N HIS A 727 23.91 -1.29 4.88
CA HIS A 727 23.70 -2.07 3.66
C HIS A 727 22.27 -2.58 3.57
N ILE A 728 21.68 -2.93 4.71
CA ILE A 728 20.27 -3.32 4.75
C ILE A 728 19.39 -2.12 4.42
N ALA A 729 19.76 -0.93 4.92
CA ALA A 729 19.07 0.28 4.51
C ALA A 729 19.37 0.65 3.06
N ASN A 730 20.48 0.17 2.50
CA ASN A 730 20.80 0.41 1.09
C ASN A 730 20.07 -0.56 0.16
N LEU A 731 19.29 -1.50 0.68
CA LEU A 731 18.50 -2.35 -0.17
C LEU A 731 17.28 -1.59 -0.69
N ALA A 732 16.58 -2.19 -1.64
CA ALA A 732 15.39 -1.59 -2.22
C ALA A 732 14.26 -2.59 -2.19
N GLY A 733 13.09 -2.13 -1.79
CA GLY A 733 11.91 -2.97 -1.72
C GLY A 733 11.02 -2.54 -0.57
N SER A 734 10.08 -3.41 -0.23
CA SER A 734 9.19 -3.15 0.88
C SER A 734 9.94 -3.26 2.20
N PRO A 735 9.56 -2.46 3.20
CA PRO A 735 10.24 -2.54 4.50
C PRO A 735 9.89 -3.77 5.32
N ALA A 736 8.81 -4.49 4.98
CA ALA A 736 8.43 -5.67 5.74
C ALA A 736 9.45 -6.80 5.56
N ILE A 737 9.83 -7.06 4.31
CA ILE A 737 10.87 -8.04 4.07
C ILE A 737 12.23 -7.55 4.54
N LYS A 738 12.44 -6.23 4.61
CA LYS A 738 13.65 -5.71 5.23
C LYS A 738 13.70 -6.09 6.71
N LYS A 739 12.56 -5.98 7.40
CA LYS A 739 12.47 -6.39 8.79
C LYS A 739 12.72 -7.87 8.95
N GLY A 740 12.09 -8.69 8.10
CA GLY A 740 12.26 -10.13 8.20
C GLY A 740 13.67 -10.59 7.89
N ILE A 741 14.31 -9.98 6.89
CA ILE A 741 15.68 -10.28 6.53
C ILE A 741 16.62 -9.95 7.69
N LEU A 742 16.44 -8.77 8.30
CA LEU A 742 17.30 -8.37 9.40
C LEU A 742 17.14 -9.30 10.60
N GLN A 743 15.90 -9.75 10.87
CA GLN A 743 15.69 -10.66 11.99
C GLN A 743 16.31 -12.02 11.72
N THR A 744 16.18 -12.57 10.51
CA THR A 744 16.72 -13.91 10.30
C THR A 744 18.24 -13.89 10.20
N VAL A 745 18.83 -12.79 9.74
CA VAL A 745 20.28 -12.69 9.73
C VAL A 745 20.83 -12.60 11.15
N LYS A 746 20.15 -11.82 12.01
CA LYS A 746 20.56 -11.75 13.42
C LYS A 746 20.39 -13.10 14.12
N VAL A 747 19.35 -13.85 13.76
CA VAL A 747 19.13 -15.15 14.38
C VAL A 747 20.21 -16.15 13.97
N VAL A 748 20.56 -16.20 12.68
CA VAL A 748 21.55 -17.19 12.26
C VAL A 748 22.95 -16.80 12.75
N ASP A 749 23.22 -15.49 12.87
CA ASP A 749 24.50 -15.06 13.44
C ASP A 749 24.59 -15.41 14.91
N GLU A 750 23.49 -15.24 15.64
CA GLU A 750 23.51 -15.58 17.05
C GLU A 750 23.61 -17.08 17.26
N LEU A 751 23.01 -17.88 16.38
CA LEU A 751 23.12 -19.33 16.48
C LEU A 751 24.53 -19.81 16.16
N VAL A 752 25.21 -19.13 15.24
CA VAL A 752 26.63 -19.41 15.01
C VAL A 752 27.43 -19.09 16.25
N LYS A 753 27.10 -17.97 16.91
CA LYS A 753 27.80 -17.59 18.14
C LYS A 753 27.55 -18.57 19.29
N VAL A 754 26.38 -19.20 19.31
CA VAL A 754 26.07 -20.12 20.41
C VAL A 754 26.86 -21.42 20.28
N MET A 755 26.97 -21.94 19.07
CA MET A 755 27.50 -23.29 18.86
C MET A 755 29.00 -23.42 19.08
N GLY A 756 29.70 -22.36 19.46
CA GLY A 756 31.12 -22.47 19.72
C GLY A 756 31.95 -21.97 18.56
N ARG A 757 31.50 -20.87 17.95
CA ARG A 757 32.20 -20.11 16.92
C ARG A 757 32.48 -20.88 15.63
N HIS A 758 31.95 -22.09 15.50
CA HIS A 758 32.20 -22.91 14.33
C HIS A 758 31.08 -22.71 13.32
N LYS A 759 31.46 -22.54 12.07
CA LYS A 759 30.48 -22.34 11.02
C LYS A 759 29.72 -23.63 10.74
N PRO A 760 28.47 -23.54 10.30
CA PRO A 760 27.72 -24.76 9.99
C PRO A 760 28.18 -25.43 8.71
N GLU A 761 27.56 -26.55 8.37
CA GLU A 761 27.87 -27.25 7.13
C GLU A 761 26.85 -26.98 6.05
N ASN A 762 25.56 -27.04 6.37
CA ASN A 762 24.49 -26.77 5.43
C ASN A 762 23.48 -25.83 6.06
N ILE A 763 22.92 -24.95 5.23
CA ILE A 763 21.82 -24.07 5.64
C ILE A 763 20.68 -24.32 4.67
N VAL A 764 19.55 -24.81 5.17
CA VAL A 764 18.45 -25.22 4.33
C VAL A 764 17.31 -24.24 4.50
N ILE A 765 16.92 -23.58 3.40
CA ILE A 765 15.81 -22.64 3.37
C ILE A 765 14.79 -23.15 2.38
N GLU A 766 13.52 -22.80 2.59
CA GLU A 766 12.45 -23.17 1.67
C GLU A 766 11.92 -21.91 0.97
N MET A 767 11.80 -21.98 -0.36
CA MET A 767 11.36 -20.86 -1.18
C MET A 767 9.93 -21.11 -1.67
N ALA A 768 9.43 -20.17 -2.47
CA ALA A 768 8.04 -20.19 -2.93
C ALA A 768 7.96 -19.89 -4.42
N ARG A 769 8.83 -20.52 -5.21
CA ARG A 769 8.73 -20.49 -6.66
C ARG A 769 8.26 -21.86 -7.15
N GLU A 770 7.67 -21.86 -8.35
CA GLU A 770 7.08 -23.07 -8.91
C GLU A 770 7.59 -23.28 -10.32
N ASN A 771 7.14 -24.38 -10.92
CA ASN A 771 7.47 -24.74 -12.31
C ASN A 771 6.18 -25.24 -12.95
N GLN A 772 5.47 -24.35 -13.63
CA GLN A 772 4.15 -24.66 -14.18
C GLN A 772 4.29 -25.42 -15.49
N THR A 773 3.17 -25.55 -16.21
CA THR A 773 3.12 -26.18 -17.51
C THR A 773 3.01 -25.14 -18.60
N THR A 774 3.26 -25.57 -19.84
CA THR A 774 3.29 -24.64 -20.97
C THR A 774 1.89 -24.17 -21.35
N GLN A 775 0.88 -25.03 -21.20
CA GLN A 775 -0.48 -24.69 -21.63
C GLN A 775 -1.09 -23.61 -20.74
N LYS A 776 -1.18 -23.89 -19.43
CA LYS A 776 -1.72 -22.90 -18.50
C LYS A 776 -0.77 -21.72 -18.33
N GLY A 777 0.55 -21.96 -18.48
CA GLY A 777 1.50 -20.88 -18.38
C GLY A 777 1.39 -19.88 -19.53
N GLN A 778 1.09 -20.37 -20.73
CA GLN A 778 0.81 -19.49 -21.84
C GLN A 778 -0.60 -18.93 -21.81
N LYS A 779 -1.54 -19.64 -21.19
CA LYS A 779 -2.90 -19.12 -21.04
C LYS A 779 -2.93 -17.96 -20.05
N ASN A 780 -2.05 -17.97 -19.07
CA ASN A 780 -1.89 -16.84 -18.17
C ASN A 780 -0.94 -15.78 -18.73
N SER A 781 -0.32 -16.04 -19.88
CA SER A 781 0.57 -15.09 -20.53
C SER A 781 -0.01 -14.50 -21.80
N ARG A 782 -1.24 -14.87 -22.17
CA ARG A 782 -1.87 -14.32 -23.36
C ARG A 782 -2.27 -12.88 -23.14
N GLU A 783 -2.30 -12.12 -24.23
CA GLU A 783 -2.42 -10.67 -24.15
C GLU A 783 -3.85 -10.25 -23.79
N ARG A 784 -4.06 -8.94 -23.72
CA ARG A 784 -5.38 -8.40 -23.43
C ARG A 784 -6.21 -8.18 -24.69
N MET A 785 -5.57 -7.94 -25.83
CA MET A 785 -6.27 -7.86 -27.10
C MET A 785 -6.80 -9.21 -27.57
N LYS A 786 -6.38 -10.31 -26.95
CA LYS A 786 -7.05 -11.58 -27.15
C LYS A 786 -8.43 -11.56 -26.50
N ARG A 787 -8.46 -11.28 -25.19
CA ARG A 787 -9.68 -11.41 -24.40
C ARG A 787 -10.72 -10.35 -24.79
N ILE A 788 -10.25 -9.14 -25.09
CA ILE A 788 -11.15 -8.05 -25.49
C ILE A 788 -11.83 -8.39 -26.80
N GLU A 789 -11.03 -8.85 -27.78
CA GLU A 789 -11.60 -9.20 -29.08
C GLU A 789 -12.48 -10.45 -29.01
N GLU A 790 -12.18 -11.38 -28.10
CA GLU A 790 -13.01 -12.57 -27.96
C GLU A 790 -14.37 -12.22 -27.37
N GLY A 791 -14.40 -11.40 -26.31
CA GLY A 791 -15.67 -10.98 -25.75
C GLY A 791 -16.46 -10.09 -26.68
N ILE A 792 -15.78 -9.23 -27.43
CA ILE A 792 -16.43 -8.37 -28.42
C ILE A 792 -17.02 -9.20 -29.55
N LYS A 793 -16.33 -10.26 -29.96
CA LYS A 793 -16.87 -11.16 -30.97
C LYS A 793 -18.05 -11.95 -30.44
N GLU A 794 -18.02 -12.32 -29.16
CA GLU A 794 -19.10 -13.11 -28.58
C GLU A 794 -20.38 -12.29 -28.45
N LEU A 795 -20.28 -11.10 -27.87
CA LEU A 795 -21.48 -10.31 -27.64
C LEU A 795 -21.73 -9.34 -28.79
N GLY A 796 -22.81 -8.57 -28.69
CA GLY A 796 -23.09 -7.56 -29.69
C GLY A 796 -22.12 -6.41 -29.58
N SER A 797 -21.60 -5.97 -30.72
CA SER A 797 -20.49 -5.03 -30.73
C SER A 797 -20.61 -4.06 -31.88
N GLN A 798 -20.65 -2.77 -31.57
CA GLN A 798 -20.52 -1.71 -32.54
C GLN A 798 -19.50 -0.66 -32.12
N ILE A 799 -18.84 -0.86 -30.98
CA ILE A 799 -17.89 0.13 -30.49
C ILE A 799 -16.59 0.10 -31.30
N LEU A 800 -16.21 -1.06 -31.83
CA LEU A 800 -15.00 -1.19 -32.61
C LEU A 800 -15.19 -0.86 -34.08
N LYS A 801 -16.34 -0.26 -34.44
CA LYS A 801 -16.56 0.15 -35.82
C LYS A 801 -15.77 1.40 -36.15
N GLU A 802 -15.79 2.40 -35.28
CA GLU A 802 -15.04 3.63 -35.48
C GLU A 802 -13.99 3.88 -34.41
N HIS A 803 -13.96 3.09 -33.35
CA HIS A 803 -12.97 3.24 -32.28
C HIS A 803 -12.06 2.02 -32.26
N PRO A 804 -10.90 2.06 -32.88
CA PRO A 804 -9.98 0.92 -32.85
C PRO A 804 -9.04 0.97 -31.66
N VAL A 805 -8.37 -0.16 -31.42
CA VAL A 805 -7.44 -0.29 -30.30
C VAL A 805 -6.37 -1.31 -30.66
N GLU A 806 -5.10 -0.90 -30.52
CA GLU A 806 -3.97 -1.79 -30.76
C GLU A 806 -3.65 -2.55 -29.47
N ASN A 807 -2.51 -3.23 -29.44
CA ASN A 807 -2.10 -4.01 -28.28
C ASN A 807 -1.14 -3.26 -27.37
N THR A 808 -0.69 -2.09 -27.77
CA THR A 808 0.20 -1.27 -26.96
C THR A 808 -0.42 0.03 -26.50
N GLN A 809 -1.40 0.57 -27.23
CA GLN A 809 -2.13 1.74 -26.77
C GLN A 809 -2.99 1.44 -25.55
N LEU A 810 -3.41 0.17 -25.41
CA LEU A 810 -4.24 -0.25 -24.28
C LEU A 810 -3.31 -0.67 -23.16
N GLN A 811 -2.89 0.31 -22.35
CA GLN A 811 -2.23 0.03 -21.08
C GLN A 811 -2.71 0.91 -19.94
N ASN A 812 -3.31 2.06 -20.20
CA ASN A 812 -3.87 2.88 -19.15
C ASN A 812 -5.11 2.20 -18.56
N GLU A 813 -5.28 2.33 -17.24
CA GLU A 813 -6.38 1.67 -16.57
C GLU A 813 -7.73 2.34 -16.83
N LYS A 814 -7.75 3.55 -17.38
CA LYS A 814 -8.99 4.22 -17.70
C LYS A 814 -9.46 3.94 -19.12
N LEU A 815 -8.86 2.97 -19.81
CA LEU A 815 -9.29 2.60 -21.15
C LEU A 815 -9.49 1.08 -21.21
N TYR A 816 -8.64 0.35 -20.49
CA TYR A 816 -8.77 -1.10 -20.42
C TYR A 816 -10.08 -1.51 -19.75
N LEU A 817 -10.49 -0.76 -18.72
CA LEU A 817 -11.80 -0.98 -18.13
C LEU A 817 -12.93 -0.43 -18.99
N TYR A 818 -12.64 0.55 -19.85
CA TYR A 818 -13.69 1.05 -20.74
C TYR A 818 -14.02 0.03 -21.82
N TYR A 819 -13.01 -0.69 -22.30
CA TYR A 819 -13.27 -1.74 -23.28
C TYR A 819 -13.62 -3.08 -22.64
N LEU A 820 -13.26 -3.29 -21.37
CA LEU A 820 -13.68 -4.49 -20.67
C LEU A 820 -15.15 -4.44 -20.27
N GLN A 821 -15.75 -3.25 -20.23
CA GLN A 821 -17.13 -3.08 -19.79
C GLN A 821 -18.02 -2.57 -20.92
N ASN A 822 -17.59 -2.71 -22.17
CA ASN A 822 -18.36 -2.49 -23.39
C ASN A 822 -18.88 -1.05 -23.51
N GLY A 823 -18.19 -0.09 -22.89
CA GLY A 823 -18.54 1.30 -23.06
C GLY A 823 -19.80 1.76 -22.35
N ARG A 824 -19.98 1.34 -21.10
CA ARG A 824 -21.11 1.79 -20.31
C ARG A 824 -20.68 1.92 -18.85
N ASP A 825 -21.36 2.80 -18.12
CA ASP A 825 -21.17 2.87 -16.69
C ASP A 825 -21.74 1.63 -16.03
N MET A 826 -21.02 1.11 -15.04
CA MET A 826 -21.40 -0.17 -14.46
C MET A 826 -22.34 -0.05 -13.27
N TYR A 827 -22.65 1.17 -12.82
CA TYR A 827 -23.61 1.35 -11.75
C TYR A 827 -24.90 2.03 -12.21
N VAL A 828 -24.95 2.54 -13.43
CA VAL A 828 -26.18 3.06 -14.01
C VAL A 828 -26.13 2.78 -15.50
N ASP A 829 -27.29 2.39 -16.07
CA ASP A 829 -27.37 2.03 -17.48
C ASP A 829 -27.39 3.30 -18.31
N GLN A 830 -26.20 3.78 -18.66
CA GLN A 830 -26.08 4.98 -19.48
C GLN A 830 -24.83 4.86 -20.34
N GLU A 831 -24.80 5.63 -21.42
CA GLU A 831 -23.68 5.57 -22.35
C GLU A 831 -22.44 6.24 -21.75
N LEU A 832 -21.30 5.61 -21.94
CA LEU A 832 -20.03 6.13 -21.45
C LEU A 832 -19.26 6.78 -22.61
N ASP A 833 -18.41 7.73 -22.26
CA ASP A 833 -17.67 8.52 -23.23
C ASP A 833 -16.20 8.15 -23.23
N ILE A 834 -15.52 8.47 -24.32
CA ILE A 834 -14.09 8.25 -24.45
C ILE A 834 -13.45 9.57 -24.85
N ASN A 835 -14.28 10.56 -25.17
CA ASN A 835 -13.78 11.90 -25.48
C ASN A 835 -13.17 12.57 -24.26
N ARG A 836 -13.65 12.25 -23.06
CA ARG A 836 -13.04 12.70 -21.83
C ARG A 836 -12.17 11.63 -21.20
N LEU A 837 -12.76 10.49 -20.84
CA LEU A 837 -12.13 9.25 -20.39
C LEU A 837 -11.27 9.41 -19.13
N SER A 838 -11.32 10.55 -18.45
CA SER A 838 -10.52 10.75 -17.26
C SER A 838 -11.36 11.32 -16.13
N ASP A 839 -12.46 12.01 -16.48
CA ASP A 839 -13.36 12.60 -15.50
C ASP A 839 -14.15 11.56 -14.71
N TYR A 840 -14.18 10.32 -15.17
CA TYR A 840 -14.80 9.22 -14.44
C TYR A 840 -13.77 8.54 -13.56
N ASP A 841 -14.26 7.82 -12.56
CA ASP A 841 -13.40 7.34 -11.48
C ASP A 841 -13.42 5.82 -11.41
N VAL A 842 -12.26 5.23 -11.10
CA VAL A 842 -12.15 3.81 -10.84
C VAL A 842 -12.39 3.58 -9.35
N ASP A 843 -13.19 2.57 -9.03
CA ASP A 843 -13.58 2.30 -7.65
C ASP A 843 -13.44 0.82 -7.35
N HIS A 844 -12.97 0.51 -6.15
CA HIS A 844 -12.93 -0.86 -5.68
C HIS A 844 -14.31 -1.28 -5.19
N ILE A 845 -14.69 -2.53 -5.47
CA ILE A 845 -16.01 -3.00 -5.06
C ILE A 845 -16.06 -3.18 -3.54
N VAL A 846 -15.24 -4.08 -3.01
CA VAL A 846 -14.97 -4.05 -1.57
C VAL A 846 -14.01 -2.91 -1.27
N PRO A 847 -14.31 -2.05 -0.30
CA PRO A 847 -13.50 -0.85 -0.13
C PRO A 847 -12.14 -1.15 0.47
N GLN A 848 -11.25 -0.15 0.36
CA GLN A 848 -9.89 -0.28 0.84
C GLN A 848 -9.80 -0.28 2.36
N SER A 849 -10.88 0.08 3.06
CA SER A 849 -10.87 0.05 4.52
C SER A 849 -10.84 -1.38 5.04
N PHE A 850 -11.63 -2.28 4.43
CA PHE A 850 -11.73 -3.64 4.92
C PHE A 850 -10.65 -4.55 4.36
N LEU A 851 -10.36 -4.45 3.07
CA LEU A 851 -9.42 -5.36 2.41
C LEU A 851 -8.20 -4.59 1.94
N LYS A 852 -7.24 -5.34 1.41
CA LYS A 852 -5.95 -4.81 0.96
C LYS A 852 -5.62 -5.30 -0.44
N ASP A 853 -6.59 -5.19 -1.36
CA ASP A 853 -6.41 -5.60 -2.74
C ASP A 853 -6.85 -4.48 -3.67
N ASP A 854 -6.14 -4.36 -4.80
CA ASP A 854 -6.48 -3.36 -5.81
C ASP A 854 -6.40 -3.96 -7.21
N SER A 855 -6.67 -5.26 -7.33
CA SER A 855 -6.42 -5.98 -8.57
C SER A 855 -7.50 -5.68 -9.61
N ILE A 856 -7.44 -6.38 -10.74
CA ILE A 856 -8.46 -6.21 -11.77
C ILE A 856 -9.74 -6.93 -11.40
N ASP A 857 -9.70 -7.83 -10.41
CA ASP A 857 -10.89 -8.50 -9.91
C ASP A 857 -11.65 -7.67 -8.89
N ASN A 858 -11.24 -6.42 -8.68
CA ASN A 858 -11.92 -5.52 -7.75
C ASN A 858 -12.18 -4.13 -8.31
N LYS A 859 -11.45 -3.70 -9.33
CA LYS A 859 -11.59 -2.36 -9.88
C LYS A 859 -12.72 -2.31 -10.91
N VAL A 860 -13.54 -1.28 -10.81
CA VAL A 860 -14.67 -1.04 -11.71
C VAL A 860 -14.70 0.43 -12.04
N LEU A 861 -14.72 0.76 -13.33
CA LEU A 861 -14.74 2.16 -13.77
C LEU A 861 -16.19 2.63 -13.78
N THR A 862 -16.51 3.59 -12.91
CA THR A 862 -17.84 4.18 -12.81
C THR A 862 -17.76 5.69 -13.00
N ARG A 863 -18.92 6.33 -12.93
CA ARG A 863 -19.02 7.78 -13.03
C ARG A 863 -18.52 8.43 -11.73
N SER A 864 -18.58 9.76 -11.69
CA SER A 864 -18.06 10.50 -10.55
C SER A 864 -18.99 10.41 -9.35
N ASP A 865 -20.27 10.68 -9.55
CA ASP A 865 -21.20 10.77 -8.42
C ASP A 865 -21.53 9.39 -7.86
N LYS A 866 -21.36 8.33 -8.66
CA LYS A 866 -21.68 7.00 -8.17
C LYS A 866 -20.60 6.47 -7.23
N ASN A 867 -19.34 6.79 -7.50
CA ASN A 867 -18.27 6.31 -6.63
C ASN A 867 -18.28 7.03 -5.28
N ARG A 868 -18.44 8.35 -5.32
CA ARG A 868 -18.44 9.14 -4.10
C ARG A 868 -19.80 9.15 -3.40
N GLY A 869 -20.82 8.52 -3.97
CA GLY A 869 -22.08 8.38 -3.27
C GLY A 869 -21.97 7.40 -2.11
N LYS A 870 -21.49 6.20 -2.38
CA LYS A 870 -21.16 5.27 -1.32
C LYS A 870 -19.78 5.57 -0.76
N SER A 871 -19.55 5.20 0.50
CA SER A 871 -18.28 5.50 1.15
C SER A 871 -17.49 4.25 1.52
N ASP A 872 -18.05 3.36 2.34
CA ASP A 872 -17.27 2.27 2.89
C ASP A 872 -18.06 0.98 2.91
N ASN A 873 -18.76 0.68 1.82
CA ASN A 873 -19.56 -0.53 1.76
C ASN A 873 -19.69 -1.00 0.32
N VAL A 874 -19.96 -2.30 0.18
CA VAL A 874 -20.39 -2.89 -1.09
C VAL A 874 -21.70 -2.22 -1.51
N PRO A 875 -21.88 -1.87 -2.79
CA PRO A 875 -23.09 -1.14 -3.21
C PRO A 875 -24.38 -1.90 -2.97
N SER A 876 -25.43 -1.15 -2.67
CA SER A 876 -26.64 -1.68 -2.06
C SER A 876 -27.47 -2.47 -3.07
N GLU A 877 -28.58 -3.00 -2.58
CA GLU A 877 -29.44 -3.91 -3.36
C GLU A 877 -30.23 -3.21 -4.46
N GLU A 878 -30.31 -1.87 -4.44
CA GLU A 878 -30.91 -1.17 -5.58
C GLU A 878 -30.04 -1.29 -6.81
N VAL A 879 -28.72 -1.15 -6.64
CA VAL A 879 -27.78 -1.34 -7.75
C VAL A 879 -27.79 -2.78 -8.23
N VAL A 880 -27.95 -3.73 -7.30
CA VAL A 880 -28.05 -5.14 -7.67
C VAL A 880 -29.32 -5.39 -8.48
N LYS A 881 -30.47 -4.93 -7.98
CA LYS A 881 -31.75 -5.11 -8.66
C LYS A 881 -31.83 -4.35 -9.98
N LYS A 882 -31.00 -3.33 -10.18
CA LYS A 882 -30.98 -2.65 -11.47
C LYS A 882 -30.03 -3.30 -12.47
N MET A 883 -28.81 -3.65 -12.04
CA MET A 883 -27.77 -4.06 -12.97
C MET A 883 -27.42 -5.55 -12.91
N LYS A 884 -28.25 -6.37 -12.26
CA LYS A 884 -27.95 -7.79 -12.14
C LYS A 884 -27.99 -8.50 -13.48
N ASN A 885 -28.97 -8.16 -14.32
CA ASN A 885 -29.11 -8.82 -15.61
C ASN A 885 -27.98 -8.42 -16.56
N TYR A 886 -27.57 -7.15 -16.51
CA TYR A 886 -26.47 -6.69 -17.33
C TYR A 886 -25.15 -7.32 -16.89
N TRP A 887 -24.93 -7.45 -15.57
CA TRP A 887 -23.71 -8.08 -15.09
C TRP A 887 -23.69 -9.57 -15.40
N ARG A 888 -24.84 -10.23 -15.34
CA ARG A 888 -24.90 -11.64 -15.70
C ARG A 888 -24.74 -11.84 -17.20
N GLN A 889 -25.13 -10.84 -18.00
CA GLN A 889 -24.85 -10.90 -19.43
C GLN A 889 -23.37 -10.74 -19.71
N LEU A 890 -22.70 -9.84 -18.99
CA LEU A 890 -21.26 -9.69 -19.16
C LEU A 890 -20.47 -10.87 -18.58
N LEU A 891 -21.07 -11.65 -17.67
CA LEU A 891 -20.37 -12.82 -17.13
C LEU A 891 -20.28 -13.94 -18.14
N ASN A 892 -21.23 -14.01 -19.09
CA ASN A 892 -21.24 -15.08 -20.07
C ASN A 892 -20.08 -14.96 -21.05
N ALA A 893 -19.62 -13.74 -21.33
CA ALA A 893 -18.51 -13.52 -22.24
C ALA A 893 -17.15 -13.76 -21.60
N LYS A 894 -17.11 -14.12 -20.31
CA LYS A 894 -15.89 -14.33 -19.53
C LYS A 894 -14.99 -13.10 -19.52
N LEU A 895 -15.59 -11.92 -19.57
CA LEU A 895 -14.84 -10.69 -19.31
C LEU A 895 -14.43 -10.61 -17.85
N ILE A 896 -15.38 -10.87 -16.95
CA ILE A 896 -15.13 -10.87 -15.52
C ILE A 896 -15.13 -12.31 -15.02
N THR A 897 -14.65 -12.50 -13.80
CA THR A 897 -14.60 -13.81 -13.18
C THR A 897 -15.75 -13.97 -12.21
N GLN A 898 -15.88 -15.19 -11.68
CA GLN A 898 -16.94 -15.47 -10.72
C GLN A 898 -16.65 -14.82 -9.37
N ARG A 899 -15.37 -14.60 -9.03
CA ARG A 899 -15.04 -13.92 -7.78
C ARG A 899 -15.36 -12.43 -7.85
N LYS A 900 -15.20 -11.82 -9.02
CA LYS A 900 -15.57 -10.42 -9.17
C LYS A 900 -17.07 -10.22 -9.09
N PHE A 901 -17.84 -11.16 -9.67
CA PHE A 901 -19.29 -11.08 -9.54
C PHE A 901 -19.75 -11.46 -8.14
N ASP A 902 -18.95 -12.27 -7.43
CA ASP A 902 -19.26 -12.55 -6.03
C ASP A 902 -19.03 -11.32 -5.16
N ASN A 903 -17.97 -10.56 -5.42
CA ASN A 903 -17.76 -9.29 -4.74
C ASN A 903 -18.74 -8.23 -5.19
N LEU A 904 -19.31 -8.37 -6.39
CA LEU A 904 -20.26 -7.38 -6.90
C LEU A 904 -21.58 -7.43 -6.12
N THR A 905 -21.98 -8.61 -5.69
CA THR A 905 -23.26 -8.77 -5.00
C THR A 905 -23.05 -9.31 -3.59
N LYS A 906 -22.08 -8.73 -2.87
CA LYS A 906 -21.92 -9.08 -1.46
C LYS A 906 -23.08 -8.56 -0.63
N ALA A 907 -23.72 -7.47 -1.07
CA ALA A 907 -24.87 -6.90 -0.37
C ALA A 907 -26.10 -7.79 -0.41
N GLU A 908 -26.13 -8.82 -1.26
CA GLU A 908 -27.16 -9.84 -1.17
C GLU A 908 -27.02 -10.72 0.05
N ARG A 909 -25.86 -10.70 0.72
CA ARG A 909 -25.66 -11.38 1.98
C ARG A 909 -25.46 -10.43 3.15
N GLY A 910 -24.52 -9.51 3.04
CA GLY A 910 -24.29 -8.55 4.10
C GLY A 910 -23.11 -7.66 3.76
N GLY A 911 -22.88 -6.67 4.63
CA GLY A 911 -21.75 -5.78 4.45
C GLY A 911 -20.42 -6.46 4.68
N LEU A 912 -20.40 -7.53 5.47
CA LEU A 912 -19.19 -8.32 5.70
C LEU A 912 -19.62 -9.73 6.09
N SER A 913 -19.24 -10.71 5.28
CA SER A 913 -19.59 -12.10 5.57
C SER A 913 -18.69 -12.69 6.65
N GLU A 914 -17.38 -12.60 6.44
CA GLU A 914 -16.42 -13.12 7.41
C GLU A 914 -16.31 -12.20 8.62
N ALA A 918 -11.53 -12.19 4.63
CA ALA A 918 -10.18 -11.74 4.98
C ALA A 918 -9.23 -12.91 5.09
N GLY A 919 -7.95 -12.63 5.36
CA GLY A 919 -6.97 -13.68 5.51
C GLY A 919 -5.93 -13.74 4.43
N PHE A 920 -6.05 -14.74 3.55
CA PHE A 920 -5.04 -15.04 2.53
C PHE A 920 -5.00 -13.93 1.47
N ILE A 921 -3.94 -13.12 1.50
CA ILE A 921 -3.71 -12.07 0.52
C ILE A 921 -2.37 -12.34 -0.15
N LYS A 922 -2.32 -12.12 -1.47
CA LYS A 922 -1.14 -12.45 -2.27
C LYS A 922 0.04 -11.50 -2.06
N ARG A 923 -0.15 -10.41 -1.29
CA ARG A 923 0.99 -9.58 -0.90
C ARG A 923 1.99 -10.37 -0.08
N GLN A 924 1.50 -11.25 0.80
CA GLN A 924 2.37 -12.18 1.52
C GLN A 924 3.07 -13.15 0.57
N LEU A 925 2.41 -13.51 -0.53
CA LEU A 925 3.06 -14.38 -1.52
C LEU A 925 4.16 -13.65 -2.25
N VAL A 926 4.04 -12.34 -2.42
CA VAL A 926 5.15 -11.55 -2.95
C VAL A 926 6.29 -11.51 -1.94
N GLU A 927 5.95 -11.24 -0.67
CA GLU A 927 6.97 -10.97 0.35
C GLU A 927 7.77 -12.21 0.69
N THR A 928 7.13 -13.39 0.68
CA THR A 928 7.87 -14.61 1.01
C THR A 928 8.90 -14.96 -0.06
N ARG A 929 8.54 -14.79 -1.34
CA ARG A 929 9.48 -15.06 -2.42
C ARG A 929 10.65 -14.10 -2.38
N GLN A 930 10.36 -12.80 -2.20
CA GLN A 930 11.42 -11.79 -2.09
C GLN A 930 12.35 -12.08 -0.91
N ILE A 931 11.77 -12.48 0.22
CA ILE A 931 12.56 -12.64 1.43
C ILE A 931 13.42 -13.90 1.36
N THR A 932 12.97 -14.96 0.69
CA THR A 932 13.84 -16.12 0.57
C THR A 932 14.95 -15.91 -0.44
N LYS A 933 14.68 -15.21 -1.54
CA LYS A 933 15.75 -14.88 -2.48
C LYS A 933 16.81 -14.00 -1.82
N HIS A 934 16.37 -13.01 -1.04
CA HIS A 934 17.31 -12.12 -0.38
C HIS A 934 18.11 -12.83 0.71
N VAL A 935 17.48 -13.74 1.46
CA VAL A 935 18.23 -14.39 2.54
C VAL A 935 19.23 -15.39 1.96
N ALA A 936 18.91 -16.02 0.82
CA ALA A 936 19.87 -16.91 0.19
C ALA A 936 21.07 -16.15 -0.33
N GLN A 937 20.83 -15.00 -0.99
CA GLN A 937 21.92 -14.20 -1.53
C GLN A 937 22.80 -13.63 -0.41
N ILE A 938 22.19 -13.04 0.62
CA ILE A 938 22.99 -12.41 1.66
C ILE A 938 23.64 -13.42 2.59
N LEU A 939 23.08 -14.64 2.73
CA LEU A 939 23.76 -15.63 3.54
C LEU A 939 24.94 -16.24 2.80
N ASP A 940 24.81 -16.41 1.49
CA ASP A 940 25.96 -16.87 0.70
C ASP A 940 27.05 -15.80 0.68
N SER A 941 26.65 -14.53 0.68
CA SER A 941 27.65 -13.45 0.67
C SER A 941 28.34 -13.33 2.03
N ARG A 942 27.59 -13.47 3.11
CA ARG A 942 28.12 -13.20 4.44
C ARG A 942 28.87 -14.38 5.02
N MET A 943 28.45 -15.61 4.69
CA MET A 943 29.01 -16.76 5.39
C MET A 943 30.35 -17.18 4.80
N ASN A 944 30.41 -17.40 3.49
CA ASN A 944 31.65 -17.80 2.82
C ASN A 944 32.45 -16.55 2.48
N THR A 945 33.58 -16.35 3.18
CA THR A 945 34.34 -15.12 3.06
C THR A 945 35.70 -15.29 2.39
N LYS A 946 36.34 -16.45 2.53
CA LYS A 946 37.70 -16.63 2.09
C LYS A 946 37.77 -16.76 0.57
N TYR A 947 38.53 -15.87 -0.07
CA TYR A 947 38.76 -15.95 -1.50
C TYR A 947 39.78 -17.03 -1.82
N ASP A 948 39.51 -17.82 -2.85
CA ASP A 948 40.55 -18.65 -3.43
C ASP A 948 41.44 -17.81 -4.33
N GLU A 949 42.62 -18.35 -4.63
CA GLU A 949 43.59 -17.60 -5.42
C GLU A 949 43.19 -17.55 -6.89
N ASN A 950 43.11 -18.72 -7.53
CA ASN A 950 42.73 -18.82 -8.93
C ASN A 950 41.24 -19.07 -9.13
N ASP A 951 40.50 -19.26 -8.05
CA ASP A 951 39.05 -19.43 -8.10
C ASP A 951 38.40 -18.29 -7.32
N LYS A 952 37.08 -18.36 -7.18
CA LYS A 952 36.34 -17.29 -6.51
C LYS A 952 36.48 -17.39 -4.99
N LEU A 953 36.01 -18.49 -4.41
CA LEU A 953 36.02 -18.66 -2.97
C LEU A 953 36.09 -20.14 -2.64
N ILE A 954 36.00 -20.45 -1.36
CA ILE A 954 36.05 -21.82 -0.86
C ILE A 954 34.71 -22.11 -0.20
N ARG A 955 34.03 -23.16 -0.66
CA ARG A 955 32.70 -23.49 -0.16
C ARG A 955 32.83 -24.13 1.22
N GLU A 956 32.89 -23.27 2.23
CA GLU A 956 32.95 -23.76 3.61
C GLU A 956 31.58 -24.20 4.11
N VAL A 957 30.52 -23.64 3.54
CA VAL A 957 29.16 -23.97 3.97
C VAL A 957 28.23 -23.80 2.77
N LYS A 958 27.35 -24.76 2.55
CA LYS A 958 26.47 -24.78 1.40
C LYS A 958 25.09 -24.25 1.79
N VAL A 959 24.44 -23.59 0.83
CA VAL A 959 23.11 -23.02 1.01
C VAL A 959 22.17 -23.75 0.08
N ILE A 960 21.27 -24.55 0.65
CA ILE A 960 20.35 -25.38 -0.12
C ILE A 960 18.97 -24.76 -0.03
N THR A 961 18.27 -24.73 -1.16
CA THR A 961 16.94 -24.15 -1.24
C THR A 961 15.96 -25.21 -1.73
N LEU A 962 14.85 -25.37 -1.02
CA LEU A 962 13.89 -26.42 -1.29
C LEU A 962 12.53 -25.82 -1.63
N LYS A 963 11.65 -26.68 -2.12
CA LYS A 963 10.29 -26.31 -2.50
C LYS A 963 9.30 -26.94 -1.52
N SER A 964 8.15 -26.27 -1.35
CA SER A 964 7.16 -26.71 -0.39
C SER A 964 6.45 -27.98 -0.83
N LYS A 965 6.48 -28.30 -2.14
CA LYS A 965 5.85 -29.52 -2.63
C LYS A 965 6.55 -30.76 -2.09
N LEU A 966 7.88 -30.71 -1.98
CA LEU A 966 8.62 -31.87 -1.50
C LEU A 966 8.38 -32.10 -0.01
N VAL A 967 8.37 -31.02 0.78
CA VAL A 967 8.17 -31.21 2.21
C VAL A 967 6.73 -31.54 2.52
N SER A 968 5.77 -31.06 1.71
CA SER A 968 4.38 -31.48 1.91
C SER A 968 4.16 -32.91 1.46
N ASP A 969 4.92 -33.37 0.46
CA ASP A 969 4.87 -34.78 0.08
C ASP A 969 5.44 -35.66 1.19
N PHE A 970 6.55 -35.23 1.80
CA PHE A 970 7.12 -35.98 2.91
C PHE A 970 6.19 -35.99 4.12
N ARG A 971 5.47 -34.89 4.32
CA ARG A 971 4.51 -34.82 5.41
C ARG A 971 3.31 -35.73 5.14
N LYS A 972 2.85 -35.77 3.90
CA LYS A 972 1.69 -36.59 3.55
C LYS A 972 2.03 -38.06 3.41
N ASP A 973 3.30 -38.41 3.26
CA ASP A 973 3.65 -39.83 3.12
C ASP A 973 3.59 -40.56 4.45
N PHE A 974 4.41 -40.14 5.41
CA PHE A 974 4.63 -40.89 6.63
C PHE A 974 3.80 -40.38 7.80
N GLN A 975 2.68 -39.70 7.50
CA GLN A 975 1.66 -39.30 8.47
C GLN A 975 2.21 -38.36 9.55
N PHE A 976 3.04 -37.42 9.16
CA PHE A 976 3.54 -36.40 10.07
C PHE A 976 2.73 -35.12 9.98
N TYR A 977 1.41 -35.21 10.15
CA TYR A 977 0.48 -34.14 9.82
C TYR A 977 0.65 -32.93 10.75
N LYS A 978 0.05 -31.81 10.34
CA LYS A 978 0.11 -30.58 11.11
C LYS A 978 -1.23 -29.85 11.02
N VAL A 979 -1.59 -29.18 12.11
CA VAL A 979 -2.76 -28.32 12.17
C VAL A 979 -2.31 -26.92 12.57
N ARG A 980 -2.72 -25.91 11.79
CA ARG A 980 -2.28 -24.55 12.04
C ARG A 980 -2.94 -23.91 13.25
N GLU A 981 -3.98 -24.52 13.82
CA GLU A 981 -4.78 -23.81 14.79
C GLU A 981 -4.76 -24.46 16.16
N ILE A 982 -3.58 -24.84 16.64
CA ILE A 982 -3.42 -25.43 17.96
C ILE A 982 -2.44 -24.63 18.81
N ASN A 983 -1.22 -24.45 18.32
CA ASN A 983 -0.18 -23.72 19.04
C ASN A 983 0.72 -23.06 18.00
N ASN A 984 1.91 -22.65 18.42
CA ASN A 984 2.87 -22.04 17.50
C ASN A 984 4.10 -22.91 17.31
N TYR A 985 3.99 -24.20 17.56
CA TYR A 985 5.15 -25.08 17.42
C TYR A 985 5.38 -25.52 15.99
N HIS A 986 4.43 -25.24 15.09
CA HIS A 986 4.56 -25.75 13.72
C HIS A 986 5.63 -25.02 12.93
N HIS A 987 5.98 -23.79 13.31
CA HIS A 987 7.08 -23.10 12.66
C HIS A 987 8.41 -23.81 12.92
N ALA A 988 8.69 -24.11 14.19
CA ALA A 988 9.90 -24.87 14.51
C ALA A 988 9.85 -26.27 13.93
N HIS A 989 8.65 -26.88 13.89
CA HIS A 989 8.55 -28.25 13.39
C HIS A 989 8.80 -28.33 11.89
N ASP A 990 8.22 -27.42 11.11
CA ASP A 990 8.49 -27.52 9.68
C ASP A 990 9.85 -26.97 9.30
N ALA A 991 10.46 -26.10 10.13
CA ALA A 991 11.86 -25.77 9.92
C ALA A 991 12.76 -26.99 10.13
N TYR A 992 12.46 -27.77 11.17
CA TYR A 992 13.19 -29.02 11.38
C TYR A 992 12.99 -30.00 10.23
N LEU A 993 11.76 -30.06 9.69
CA LEU A 993 11.50 -30.97 8.59
C LEU A 993 12.23 -30.54 7.31
N ASN A 994 12.33 -29.22 7.09
CA ASN A 994 13.11 -28.70 5.98
C ASN A 994 14.57 -29.11 6.10
N ALA A 995 15.14 -28.99 7.31
CA ALA A 995 16.53 -29.39 7.52
C ALA A 995 16.74 -30.88 7.29
N VAL A 996 15.82 -31.71 7.79
CA VAL A 996 15.97 -33.16 7.67
C VAL A 996 15.86 -33.60 6.21
N VAL A 997 14.88 -33.06 5.48
CA VAL A 997 14.68 -33.44 4.09
C VAL A 997 15.83 -33.00 3.22
N GLY A 998 16.34 -31.77 3.43
CA GLY A 998 17.48 -31.31 2.66
C GLY A 998 18.75 -32.09 2.92
N THR A 999 19.05 -32.37 4.20
CA THR A 999 20.25 -33.12 4.54
C THR A 999 20.19 -34.55 4.04
N ALA A 1000 19.03 -35.20 4.15
CA ALA A 1000 18.92 -36.58 3.67
C ALA A 1000 18.97 -36.64 2.14
N LEU A 1001 18.37 -35.66 1.46
CA LEU A 1001 18.38 -35.67 0.00
C LEU A 1001 19.77 -35.36 -0.55
N ILE A 1002 20.59 -34.61 0.18
CA ILE A 1002 21.97 -34.45 -0.25
C ILE A 1002 22.79 -35.71 0.07
N LYS A 1003 22.61 -36.27 1.26
CA LYS A 1003 23.50 -37.34 1.70
C LYS A 1003 23.19 -38.67 1.05
N LYS A 1004 21.97 -39.19 1.25
CA LYS A 1004 21.69 -40.59 0.92
C LYS A 1004 21.54 -40.82 -0.58
N TYR A 1005 20.54 -40.17 -1.20
CA TYR A 1005 20.30 -40.35 -2.63
C TYR A 1005 21.14 -39.37 -3.45
N LYS A 1080 17.38 -43.93 6.08
CA LYS A 1080 16.34 -43.19 5.37
C LYS A 1080 15.01 -43.90 5.50
N GLY A 1081 15.06 -45.17 5.88
CA GLY A 1081 13.86 -45.96 6.06
C GLY A 1081 13.85 -46.73 7.37
N ARG A 1082 14.94 -46.63 8.12
CA ARG A 1082 15.07 -47.36 9.38
C ARG A 1082 14.73 -46.52 10.59
N ASP A 1083 15.21 -45.28 10.65
CA ASP A 1083 15.12 -44.44 11.86
C ASP A 1083 14.09 -43.34 11.62
N PHE A 1084 12.84 -43.63 11.97
CA PHE A 1084 11.80 -42.62 12.07
C PHE A 1084 11.38 -42.38 13.50
N ALA A 1085 11.87 -43.19 14.44
CA ALA A 1085 11.46 -43.04 15.83
C ALA A 1085 12.01 -41.76 16.44
N THR A 1086 13.22 -41.36 16.04
CA THR A 1086 13.77 -40.12 16.57
C THR A 1086 13.07 -38.91 15.99
N VAL A 1087 12.55 -39.01 14.77
CA VAL A 1087 11.79 -37.90 14.20
C VAL A 1087 10.42 -37.81 14.85
N ARG A 1088 9.79 -38.97 15.11
CA ARG A 1088 8.53 -38.97 15.83
C ARG A 1088 8.69 -38.56 17.30
N LYS A 1089 9.89 -38.72 17.86
CA LYS A 1089 10.11 -38.27 19.23
C LYS A 1089 10.36 -36.76 19.28
N VAL A 1090 11.15 -36.23 18.35
CA VAL A 1090 11.42 -34.80 18.35
C VAL A 1090 10.21 -34.01 17.85
N LEU A 1091 9.28 -34.67 17.14
CA LEU A 1091 8.03 -34.03 16.79
C LEU A 1091 7.00 -34.08 17.91
N SER A 1092 7.40 -34.40 19.13
CA SER A 1092 6.49 -34.41 20.27
C SER A 1092 7.16 -33.87 21.52
N MET A 1093 8.15 -33.01 21.36
CA MET A 1093 8.84 -32.43 22.51
C MET A 1093 7.97 -31.33 23.13
N PRO A 1094 8.02 -31.17 24.45
CA PRO A 1094 7.23 -30.13 25.08
C PRO A 1094 7.92 -28.77 25.11
N GLN A 1095 9.24 -28.75 25.00
CA GLN A 1095 10.02 -27.55 25.15
C GLN A 1095 10.41 -27.00 23.78
N VAL A 1096 9.91 -25.81 23.46
CA VAL A 1096 10.24 -25.08 22.25
C VAL A 1096 10.29 -23.60 22.61
N ASN A 1097 11.41 -22.94 22.32
CA ASN A 1097 11.59 -21.54 22.69
C ASN A 1097 10.79 -20.66 21.73
N ILE A 1098 9.64 -20.20 22.19
CA ILE A 1098 8.82 -19.24 21.45
C ILE A 1098 9.06 -17.87 22.04
N VAL A 1099 9.47 -16.92 21.19
CA VAL A 1099 9.81 -15.57 21.63
C VAL A 1099 8.96 -14.59 20.84
N LYS A 1100 8.25 -13.73 21.55
CA LYS A 1100 7.55 -12.61 20.93
C LYS A 1100 8.43 -11.37 21.09
N LYS A 1101 8.74 -10.72 19.98
CA LYS A 1101 9.72 -9.65 19.98
C LYS A 1101 9.16 -8.38 20.62
N THR A 1102 9.85 -7.87 21.63
CA THR A 1102 9.41 -6.67 22.34
C THR A 1102 9.68 -5.44 21.48
N GLU A 1103 8.64 -4.69 21.19
CA GLU A 1103 8.75 -3.48 20.38
C GLU A 1103 8.31 -2.27 21.19
N VAL A 1104 8.75 -1.11 20.75
CA VAL A 1104 8.32 0.18 21.31
C VAL A 1104 7.36 0.80 20.31
N GLN A 1105 6.15 1.10 20.76
CA GLN A 1105 5.09 1.55 19.86
C GLN A 1105 5.35 2.96 19.38
N THR A 1106 5.32 3.14 18.06
CA THR A 1106 5.37 4.47 17.45
C THR A 1106 4.29 4.55 16.39
N GLY A 1107 3.80 5.77 16.17
CA GLY A 1107 2.75 6.00 15.20
C GLY A 1107 1.95 7.24 15.50
N GLY A 1108 0.62 7.13 15.39
CA GLY A 1108 -0.22 8.25 15.70
C GLY A 1108 -0.30 8.52 17.19
N PHE A 1109 -0.64 9.76 17.53
CA PHE A 1109 -0.73 10.13 18.93
C PHE A 1109 -1.96 9.52 19.59
N SER A 1110 -3.10 9.56 18.90
CA SER A 1110 -4.35 9.09 19.46
C SER A 1110 -5.28 8.75 18.30
N LYS A 1111 -6.55 8.57 18.62
CA LYS A 1111 -7.56 8.45 17.57
C LYS A 1111 -7.76 9.80 16.89
N GLU A 1112 -8.08 9.75 15.60
CA GLU A 1112 -8.09 10.97 14.81
C GLU A 1112 -9.35 11.81 15.00
N SER A 1113 -10.43 11.22 15.52
CA SER A 1113 -11.69 11.93 15.61
C SER A 1113 -11.65 12.97 16.72
N ILE A 1114 -12.57 13.92 16.64
CA ILE A 1114 -12.65 15.03 17.59
C ILE A 1114 -13.99 14.93 18.31
N LEU A 1115 -13.95 14.62 19.58
CA LEU A 1115 -15.14 14.39 20.41
C LEU A 1115 -15.63 15.72 20.99
N PRO A 1116 -16.94 15.90 21.14
CA PRO A 1116 -17.43 17.14 21.73
C PRO A 1116 -17.18 17.20 23.23
N LYS A 1117 -17.49 18.35 23.81
CA LYS A 1117 -17.04 18.65 25.16
C LYS A 1117 -17.80 17.84 26.21
N ARG A 1118 -17.08 17.51 27.28
CA ARG A 1118 -17.67 16.96 28.49
C ARG A 1118 -16.71 17.24 29.64
N ASN A 1119 -17.18 16.96 30.85
CA ASN A 1119 -16.43 17.30 32.05
C ASN A 1119 -15.47 16.21 32.50
N SER A 1120 -15.07 15.31 31.61
CA SER A 1120 -14.16 14.23 31.97
C SER A 1120 -12.73 14.76 32.08
N ASP A 1121 -11.82 13.89 32.51
CA ASP A 1121 -10.42 14.23 32.68
C ASP A 1121 -9.51 13.46 31.74
N LYS A 1122 -10.06 12.83 30.71
CA LYS A 1122 -9.28 12.07 29.74
C LYS A 1122 -9.47 12.64 28.34
N LEU A 1123 -9.44 13.96 28.22
CA LEU A 1123 -9.58 14.64 26.95
C LEU A 1123 -8.31 15.43 26.69
N ILE A 1124 -7.55 15.01 25.68
CA ILE A 1124 -6.32 15.71 25.33
C ILE A 1124 -6.67 16.95 24.52
N ALA A 1125 -5.99 18.05 24.81
CA ALA A 1125 -6.30 19.31 24.16
C ALA A 1125 -5.81 19.32 22.72
N ARG A 1126 -6.48 20.14 21.90
CA ARG A 1126 -6.15 20.24 20.49
C ARG A 1126 -5.12 21.32 20.21
N LYS A 1127 -5.07 22.36 21.03
CA LYS A 1127 -4.01 23.36 20.96
C LYS A 1127 -3.50 23.65 22.35
N LYS A 1128 -2.66 24.66 22.50
CA LYS A 1128 -2.09 24.94 23.82
C LYS A 1128 -3.09 25.63 24.72
N ASP A 1129 -3.72 26.70 24.23
CA ASP A 1129 -4.62 27.51 25.03
C ASP A 1129 -6.08 27.16 24.82
N TRP A 1130 -6.38 25.92 24.47
CA TRP A 1130 -7.75 25.46 24.23
C TRP A 1130 -8.05 24.40 25.28
N ASP A 1131 -8.68 24.82 26.37
CA ASP A 1131 -8.98 23.91 27.47
C ASP A 1131 -10.07 22.93 27.05
N PRO A 1132 -9.88 21.62 27.26
CA PRO A 1132 -10.83 20.64 26.74
C PRO A 1132 -12.17 20.62 27.43
N LYS A 1133 -12.31 21.25 28.60
CA LYS A 1133 -13.61 21.30 29.25
C LYS A 1133 -14.58 22.22 28.52
N LYS A 1134 -14.09 23.14 27.71
CA LYS A 1134 -14.93 24.07 26.99
C LYS A 1134 -14.80 23.95 25.48
N TYR A 1135 -13.88 23.13 24.98
CA TYR A 1135 -13.63 23.05 23.55
C TYR A 1135 -13.63 21.65 22.99
N GLY A 1136 -13.51 20.61 23.80
CA GLY A 1136 -13.42 19.27 23.27
C GLY A 1136 -12.05 18.95 22.71
N GLY A 1137 -11.79 17.70 22.37
CA GLY A 1137 -10.48 17.36 21.86
C GLY A 1137 -10.36 15.88 21.59
N PHE A 1138 -9.12 15.44 21.40
CA PHE A 1138 -8.86 14.06 21.08
C PHE A 1138 -9.02 13.19 22.33
N ASP A 1139 -8.89 11.88 22.12
CA ASP A 1139 -9.10 10.94 23.21
C ASP A 1139 -8.37 9.66 22.87
N SER A 1140 -8.19 8.81 23.89
CA SER A 1140 -7.57 7.49 23.88
C SER A 1140 -6.18 7.50 23.23
N PRO A 1141 -5.16 8.01 23.90
CA PRO A 1141 -3.83 8.03 23.31
C PRO A 1141 -3.17 6.66 23.35
N THR A 1142 -2.14 6.52 22.52
CA THR A 1142 -1.39 5.28 22.40
C THR A 1142 -0.18 5.32 23.31
N VAL A 1143 0.01 4.28 24.12
CA VAL A 1143 1.10 4.24 25.09
C VAL A 1143 2.32 3.65 24.42
N ALA A 1144 3.43 4.40 24.39
CA ALA A 1144 4.66 3.92 23.77
C ALA A 1144 5.30 2.84 24.62
N TYR A 1145 5.69 3.18 25.84
CA TYR A 1145 6.18 2.17 26.77
C TYR A 1145 5.78 2.59 28.18
N SER A 1146 6.02 1.69 29.13
CA SER A 1146 5.68 1.93 30.52
C SER A 1146 6.95 1.99 31.34
N VAL A 1147 6.84 2.52 32.55
CA VAL A 1147 7.93 2.51 33.50
C VAL A 1147 7.40 2.03 34.84
N LEU A 1148 8.30 1.47 35.64
CA LEU A 1148 7.98 1.04 36.99
C LEU A 1148 8.59 2.03 37.95
N VAL A 1149 7.74 2.77 38.67
CA VAL A 1149 8.21 3.79 39.59
C VAL A 1149 7.85 3.38 41.01
N VAL A 1150 8.54 3.98 41.96
CA VAL A 1150 8.23 3.82 43.38
C VAL A 1150 8.55 5.11 44.11
N ALA A 1151 7.56 5.64 44.83
CA ALA A 1151 7.67 6.97 45.42
C ALA A 1151 6.67 7.07 46.56
N LYS A 1152 6.44 8.29 47.02
CA LYS A 1152 5.45 8.58 48.05
C LYS A 1152 4.53 9.69 47.55
N VAL A 1153 3.24 9.51 47.77
CA VAL A 1153 2.24 10.46 47.31
C VAL A 1153 1.40 10.90 48.51
N GLU A 1154 0.91 12.14 48.44
CA GLU A 1154 0.01 12.64 49.47
C GLU A 1154 -1.36 12.00 49.30
N LYS A 1155 -1.87 11.40 50.37
CA LYS A 1155 -3.10 10.61 50.28
C LYS A 1155 -4.32 11.47 50.59
N GLY A 1156 -4.51 12.49 49.75
CA GLY A 1156 -5.72 13.29 49.76
C GLY A 1156 -5.93 14.16 50.98
N LYS A 1157 -6.91 13.79 51.81
CA LYS A 1157 -7.22 14.59 53.00
C LYS A 1157 -6.17 14.39 54.09
N SER A 1158 -5.55 13.21 54.16
CA SER A 1158 -4.48 13.00 55.13
C SER A 1158 -3.23 13.75 54.73
N LYS A 1159 -2.92 13.77 53.42
CA LYS A 1159 -1.88 14.59 52.79
C LYS A 1159 -0.47 14.28 53.30
N LYS A 1160 -0.24 13.08 53.82
CA LYS A 1160 1.09 12.67 54.22
C LYS A 1160 1.66 11.68 53.22
N LEU A 1161 2.98 11.50 53.30
CA LEU A 1161 3.69 10.70 52.31
C LEU A 1161 3.41 9.22 52.53
N LYS A 1162 2.71 8.60 51.58
CA LYS A 1162 2.34 7.19 51.64
C LYS A 1162 3.00 6.47 50.47
N SER A 1163 3.65 5.34 50.77
CA SER A 1163 4.48 4.66 49.78
C SER A 1163 3.61 3.96 48.73
N VAL A 1164 4.01 4.12 47.46
CA VAL A 1164 3.31 3.52 46.33
C VAL A 1164 4.33 2.92 45.37
N LYS A 1165 3.87 1.95 44.59
CA LYS A 1165 4.68 1.33 43.54
C LYS A 1165 3.72 0.88 42.45
N GLU A 1166 3.68 1.63 41.35
CA GLU A 1166 2.71 1.38 40.29
C GLU A 1166 3.35 1.64 38.94
N LEU A 1167 2.56 1.42 37.89
CA LEU A 1167 3.02 1.53 36.51
C LEU A 1167 2.49 2.81 35.90
N LEU A 1168 3.38 3.57 35.27
CA LEU A 1168 2.99 4.74 34.50
C LEU A 1168 2.87 4.38 33.03
N GLY A 1169 2.06 5.13 32.31
CA GLY A 1169 1.98 4.96 30.88
C GLY A 1169 2.53 6.17 30.16
N ILE A 1170 3.71 6.03 29.56
CA ILE A 1170 4.30 7.13 28.80
C ILE A 1170 3.70 7.09 27.40
N THR A 1171 2.96 8.12 27.04
CA THR A 1171 2.36 8.16 25.72
C THR A 1171 3.40 8.55 24.68
N ILE A 1172 2.99 8.53 23.41
CA ILE A 1172 3.90 8.91 22.35
C ILE A 1172 4.10 10.41 22.34
N MET A 1173 3.09 11.18 22.76
CA MET A 1173 3.20 12.63 22.77
C MET A 1173 4.15 13.13 23.85
N GLU A 1174 4.39 12.36 24.91
CA GLU A 1174 5.20 12.79 26.03
C GLU A 1174 6.55 12.09 26.10
N ARG A 1175 6.97 11.43 25.03
CA ARG A 1175 8.19 10.63 25.08
C ARG A 1175 9.43 11.51 25.13
N SER A 1176 9.45 12.57 24.31
CA SER A 1176 10.61 13.46 24.30
C SER A 1176 10.68 14.27 25.60
N SER A 1177 9.54 14.70 26.11
CA SER A 1177 9.53 15.45 27.36
C SER A 1177 9.85 14.56 28.56
N PHE A 1178 9.71 13.25 28.42
CA PHE A 1178 10.16 12.36 29.48
C PHE A 1178 11.66 12.09 29.36
N GLU A 1179 12.14 11.88 28.14
CA GLU A 1179 13.55 11.55 27.96
C GLU A 1179 14.46 12.76 28.07
N LYS A 1180 13.91 13.96 28.03
CA LYS A 1180 14.74 15.14 28.30
C LYS A 1180 15.15 15.19 29.76
N ASN A 1181 14.17 15.10 30.67
CA ASN A 1181 14.44 15.14 32.10
C ASN A 1181 13.34 14.39 32.85
N PRO A 1182 13.60 13.19 33.35
CA PRO A 1182 12.51 12.38 33.91
C PRO A 1182 12.04 12.84 35.27
N ILE A 1183 12.98 13.33 36.11
CA ILE A 1183 12.69 13.58 37.51
C ILE A 1183 11.66 14.70 37.68
N ASP A 1184 11.86 15.82 36.99
CA ASP A 1184 10.91 16.92 37.12
C ASP A 1184 9.59 16.62 36.44
N PHE A 1185 9.63 15.80 35.37
CA PHE A 1185 8.41 15.43 34.66
C PHE A 1185 7.47 14.61 35.53
N LEU A 1186 7.97 13.50 36.08
CA LEU A 1186 7.09 12.75 36.96
C LEU A 1186 7.01 13.34 38.37
N GLU A 1187 7.80 14.37 38.67
CA GLU A 1187 7.54 15.14 39.88
C GLU A 1187 6.31 16.02 39.70
N ALA A 1188 6.22 16.69 38.56
CA ALA A 1188 5.03 17.48 38.24
C ALA A 1188 3.83 16.61 37.94
N LYS A 1189 4.04 15.34 37.61
CA LYS A 1189 2.91 14.42 37.47
C LYS A 1189 2.21 14.15 38.79
N GLY A 1190 2.90 14.32 39.92
CA GLY A 1190 2.29 14.08 41.20
C GLY A 1190 3.00 13.04 42.04
N TYR A 1191 4.32 12.94 41.87
CA TYR A 1191 5.13 12.03 42.66
C TYR A 1191 6.25 12.81 43.32
N LYS A 1192 6.80 12.24 44.39
CA LYS A 1192 7.89 12.85 45.13
C LYS A 1192 8.69 11.76 45.81
N GLU A 1193 9.99 12.03 45.98
CA GLU A 1193 10.98 11.12 46.59
C GLU A 1193 11.03 9.79 45.83
N VAL A 1194 11.51 9.88 44.59
CA VAL A 1194 11.62 8.73 43.72
C VAL A 1194 13.07 8.26 43.71
N LYS A 1195 13.30 7.06 43.20
CA LYS A 1195 14.64 6.49 43.10
C LYS A 1195 15.00 6.34 41.64
N LYS A 1196 15.91 7.19 41.16
CA LYS A 1196 16.26 7.21 39.74
C LYS A 1196 17.01 5.97 39.29
N ASP A 1197 17.73 5.31 40.20
CA ASP A 1197 18.37 4.06 39.85
C ASP A 1197 17.38 2.91 39.76
N LEU A 1198 16.21 3.05 40.37
CA LEU A 1198 15.22 1.98 40.45
C LEU A 1198 14.04 2.27 39.50
N ILE A 1199 14.35 2.80 38.32
CA ILE A 1199 13.36 3.00 37.27
C ILE A 1199 13.65 2.01 36.17
N ILE A 1200 12.66 1.16 35.87
CA ILE A 1200 12.77 0.16 34.82
C ILE A 1200 11.81 0.53 33.71
N LYS A 1201 12.33 0.58 32.49
CA LYS A 1201 11.49 0.79 31.32
C LYS A 1201 11.02 -0.54 30.78
N LEU A 1202 9.81 -0.55 30.23
CA LEU A 1202 9.14 -1.76 29.82
C LEU A 1202 8.40 -1.51 28.52
N PRO A 1203 8.85 -2.04 27.41
CA PRO A 1203 8.11 -1.91 26.15
C PRO A 1203 6.97 -2.91 26.09
N LYS A 1204 6.30 -2.95 24.95
CA LYS A 1204 5.24 -3.90 24.71
C LYS A 1204 5.79 -5.33 24.68
N TYR A 1205 4.92 -6.28 25.04
CA TYR A 1205 5.21 -7.71 25.08
C TYR A 1205 6.35 -8.05 26.03
N SER A 1206 6.51 -7.30 27.11
CA SER A 1206 7.46 -7.69 28.14
C SER A 1206 6.89 -8.87 28.92
N LEU A 1207 7.76 -9.79 29.29
CA LEU A 1207 7.35 -11.09 29.81
C LEU A 1207 7.45 -11.15 31.32
N PHE A 1208 6.37 -11.59 31.97
CA PHE A 1208 6.35 -11.82 33.41
C PHE A 1208 5.98 -13.25 33.69
N GLU A 1209 6.71 -13.88 34.60
CA GLU A 1209 6.38 -15.21 35.10
C GLU A 1209 5.78 -15.05 36.49
N LEU A 1210 4.53 -15.47 36.63
CA LEU A 1210 3.82 -15.47 37.89
C LEU A 1210 4.00 -16.83 38.55
N GLU A 1211 3.19 -17.14 39.56
CA GLU A 1211 3.29 -18.42 40.25
C GLU A 1211 2.77 -19.55 39.36
N ASN A 1212 3.24 -20.77 39.67
CA ASN A 1212 2.77 -22.03 39.08
C ASN A 1212 2.98 -22.09 37.57
N GLY A 1213 3.97 -21.37 37.05
CA GLY A 1213 4.27 -21.45 35.64
C GLY A 1213 3.29 -20.74 34.73
N ARG A 1214 2.68 -19.66 35.20
CA ARG A 1214 1.74 -18.89 34.41
C ARG A 1214 2.45 -17.63 33.91
N LYS A 1215 2.45 -17.42 32.60
CA LYS A 1215 3.18 -16.31 31.99
C LYS A 1215 2.21 -15.29 31.44
N ARG A 1216 2.58 -14.01 31.55
CA ARG A 1216 1.76 -12.91 31.07
C ARG A 1216 2.63 -11.94 30.28
N MET A 1217 2.08 -11.42 29.20
CA MET A 1217 2.77 -10.41 28.39
C MET A 1217 2.09 -9.07 28.61
N LEU A 1218 2.88 -8.04 28.88
CA LEU A 1218 2.34 -6.73 29.16
C LEU A 1218 1.80 -6.10 27.88
N ALA A 1219 0.50 -5.83 27.84
CA ALA A 1219 -0.08 -5.33 26.59
C ALA A 1219 0.14 -3.84 26.43
N SER A 1220 -0.50 -3.01 27.25
CA SER A 1220 -0.09 -1.62 27.22
C SER A 1220 0.30 -1.02 28.58
N ALA A 1221 -0.69 -0.82 29.44
CA ALA A 1221 -0.43 -0.24 30.76
C ALA A 1221 -1.26 -0.84 31.88
N GLY A 1222 -2.41 -1.43 31.59
CA GLY A 1222 -3.26 -2.02 32.61
C GLY A 1222 -3.92 -3.25 32.02
N GLU A 1223 -3.40 -3.70 30.89
CA GLU A 1223 -3.88 -4.88 30.20
C GLU A 1223 -2.73 -5.84 30.00
N LEU A 1224 -3.03 -7.13 30.12
CA LEU A 1224 -2.07 -8.19 29.86
C LEU A 1224 -2.59 -9.12 28.78
N GLN A 1225 -1.75 -10.07 28.38
CA GLN A 1225 -2.05 -11.02 27.33
C GLN A 1225 -1.55 -12.39 27.73
N LYS A 1226 -2.18 -13.42 27.18
CA LYS A 1226 -1.84 -14.79 27.51
C LYS A 1226 -0.47 -15.15 26.94
N GLY A 1227 0.29 -15.93 27.72
CA GLY A 1227 1.68 -16.18 27.36
C GLY A 1227 2.06 -17.64 27.19
N ASN A 1228 1.35 -18.55 27.83
CA ASN A 1228 1.76 -19.94 27.84
C ASN A 1228 1.32 -20.63 26.54
N GLU A 1229 1.88 -21.82 26.31
CA GLU A 1229 1.57 -22.61 25.14
C GLU A 1229 0.93 -23.92 25.57
N LEU A 1230 0.32 -24.62 24.62
CA LEU A 1230 -0.33 -25.89 24.87
C LEU A 1230 0.45 -26.99 24.17
N ALA A 1231 0.96 -27.93 24.94
CA ALA A 1231 1.75 -29.04 24.43
C ALA A 1231 0.83 -30.24 24.26
N LEU A 1232 0.35 -30.44 23.05
CA LEU A 1232 -0.58 -31.55 22.85
C LEU A 1232 0.15 -32.75 22.26
N PRO A 1233 -0.14 -33.96 22.74
CA PRO A 1233 0.53 -35.15 22.22
C PRO A 1233 0.17 -35.44 20.78
N SER A 1234 0.99 -36.28 20.15
CA SER A 1234 0.91 -36.45 18.70
C SER A 1234 -0.28 -37.32 18.29
N LYS A 1235 -0.74 -38.19 19.18
CA LYS A 1235 -1.88 -39.04 18.87
C LYS A 1235 -3.16 -38.22 18.73
N TYR A 1236 -3.32 -37.20 19.57
CA TYR A 1236 -4.52 -36.38 19.53
C TYR A 1236 -4.56 -35.52 18.28
N VAL A 1237 -3.42 -34.95 17.88
CA VAL A 1237 -3.42 -34.13 16.68
C VAL A 1237 -3.52 -35.01 15.43
N ASN A 1238 -3.03 -36.25 15.49
CA ASN A 1238 -3.22 -37.17 14.37
C ASN A 1238 -4.68 -37.54 14.19
N PHE A 1239 -5.34 -37.95 15.28
CA PHE A 1239 -6.75 -38.31 15.23
C PHE A 1239 -7.62 -37.09 14.89
N LEU A 1240 -7.20 -35.91 15.30
CA LEU A 1240 -7.97 -34.72 15.00
C LEU A 1240 -7.76 -34.25 13.57
N TYR A 1241 -6.60 -34.52 12.98
CA TYR A 1241 -6.44 -34.22 11.56
C TYR A 1241 -7.18 -35.21 10.70
N LEU A 1242 -7.24 -36.48 11.11
CA LEU A 1242 -8.01 -37.44 10.34
C LEU A 1242 -9.50 -37.29 10.56
N ALA A 1243 -9.92 -36.70 11.68
CA ALA A 1243 -11.35 -36.52 11.95
C ALA A 1243 -11.94 -35.45 11.05
N SER A 1244 -11.25 -34.32 10.91
CA SER A 1244 -11.55 -33.43 9.81
C SER A 1244 -11.04 -34.03 8.51
N HIS A 1245 -11.46 -33.40 7.40
CA HIS A 1245 -11.16 -33.85 6.04
C HIS A 1245 -11.60 -35.30 5.83
N TYR A 1246 -12.75 -35.65 6.38
CA TYR A 1246 -13.20 -37.04 6.39
C TYR A 1246 -13.78 -37.44 5.05
N GLU A 1247 -14.67 -36.61 4.50
CA GLU A 1247 -15.33 -36.94 3.25
C GLU A 1247 -14.41 -36.76 2.04
N LYS A 1248 -13.31 -36.05 2.19
CA LYS A 1248 -12.35 -35.82 1.12
C LYS A 1248 -11.09 -36.65 1.34
N LEU A 1249 -10.37 -36.91 0.26
CA LEU A 1249 -9.09 -37.58 0.32
C LEU A 1249 -8.05 -36.95 -0.60
N LYS A 1250 -8.43 -35.92 -1.37
CA LYS A 1250 -7.58 -35.24 -2.36
C LYS A 1250 -7.01 -36.23 -3.38
N GLY A 1251 -7.85 -37.15 -3.84
CA GLY A 1251 -7.41 -38.13 -4.82
C GLY A 1251 -8.34 -39.32 -4.84
N SER A 1252 -7.84 -40.42 -5.44
CA SER A 1252 -8.60 -41.64 -5.57
C SER A 1252 -8.65 -42.39 -4.24
N PRO A 1253 -9.78 -43.01 -3.91
CA PRO A 1253 -9.88 -43.73 -2.63
C PRO A 1253 -9.38 -45.16 -2.67
N GLU A 1254 -8.40 -45.47 -1.82
CA GLU A 1254 -7.98 -46.84 -1.55
C GLU A 1254 -7.34 -46.84 -0.17
N ASP A 1255 -7.61 -47.91 0.61
CA ASP A 1255 -7.03 -48.14 1.94
C ASP A 1255 -7.33 -47.00 2.92
N ASN A 1256 -8.49 -46.36 2.75
CA ASN A 1256 -8.91 -45.28 3.63
C ASN A 1256 -10.12 -45.65 4.46
N GLU A 1257 -10.78 -46.77 4.15
CA GLU A 1257 -11.81 -47.29 5.03
C GLU A 1257 -11.24 -47.72 6.38
N GLN A 1258 -9.97 -48.16 6.40
CA GLN A 1258 -9.32 -48.44 7.66
C GLN A 1258 -9.07 -47.16 8.45
N LYS A 1259 -8.76 -46.06 7.77
CA LYS A 1259 -8.64 -44.77 8.43
C LYS A 1259 -9.99 -44.30 8.96
N GLN A 1260 -11.05 -44.54 8.19
CA GLN A 1260 -12.40 -44.17 8.60
C GLN A 1260 -12.81 -44.93 9.87
N LEU A 1261 -12.58 -46.24 9.90
CA LEU A 1261 -12.90 -46.99 11.11
C LEU A 1261 -11.92 -46.70 12.24
N PHE A 1262 -10.71 -46.20 11.93
CA PHE A 1262 -9.80 -45.78 12.98
C PHE A 1262 -10.29 -44.50 13.66
N VAL A 1263 -10.84 -43.57 12.88
CA VAL A 1263 -11.55 -42.44 13.47
C VAL A 1263 -12.77 -42.90 14.25
N GLU A 1264 -13.50 -43.88 13.71
CA GLU A 1264 -14.75 -44.32 14.33
C GLU A 1264 -14.51 -45.06 15.64
N GLN A 1265 -13.40 -45.78 15.77
CA GLN A 1265 -13.15 -46.53 16.99
C GLN A 1265 -12.48 -45.70 18.08
N HIS A 1266 -12.23 -44.42 17.82
CA HIS A 1266 -11.50 -43.57 18.75
C HIS A 1266 -12.27 -42.29 19.05
N LYS A 1267 -13.58 -42.40 19.26
CA LYS A 1267 -14.35 -41.22 19.65
C LYS A 1267 -14.01 -40.79 21.06
N HIS A 1268 -13.63 -41.74 21.91
CA HIS A 1268 -13.36 -41.49 23.32
C HIS A 1268 -12.20 -40.51 23.51
N TYR A 1269 -11.22 -40.58 22.59
CA TYR A 1269 -10.13 -39.61 22.48
C TYR A 1269 -10.59 -38.17 22.57
N LEU A 1270 -11.69 -37.85 21.87
CA LEU A 1270 -12.20 -36.49 21.82
C LEU A 1270 -12.62 -36.01 23.19
N ASP A 1271 -13.24 -36.91 23.98
CA ASP A 1271 -13.61 -36.57 25.34
C ASP A 1271 -12.37 -36.26 26.17
N GLU A 1272 -11.30 -37.06 25.97
CA GLU A 1272 -10.04 -36.81 26.65
C GLU A 1272 -9.44 -35.47 26.26
N ILE A 1273 -9.68 -35.05 25.00
CA ILE A 1273 -9.16 -33.78 24.52
C ILE A 1273 -9.76 -32.62 25.31
N ILE A 1274 -11.03 -32.76 25.69
CA ILE A 1274 -11.68 -31.74 26.52
C ILE A 1274 -10.99 -31.65 27.88
N GLU A 1275 -10.63 -32.80 28.45
CA GLU A 1275 -9.86 -32.82 29.69
C GLU A 1275 -8.50 -32.16 29.48
N GLN A 1276 -7.89 -32.39 28.32
CA GLN A 1276 -6.60 -31.80 28.00
C GLN A 1276 -6.69 -30.29 27.84
N ILE A 1277 -7.89 -29.74 27.61
CA ILE A 1277 -8.00 -28.30 27.66
C ILE A 1277 -8.30 -27.84 29.08
N SER A 1278 -9.14 -28.60 29.79
CA SER A 1278 -9.84 -28.09 30.96
C SER A 1278 -8.87 -27.79 32.10
N GLU A 1279 -8.02 -28.77 32.43
CA GLU A 1279 -7.01 -28.56 33.46
C GLU A 1279 -6.01 -27.48 33.05
N PHE A 1280 -5.76 -27.35 31.74
CA PHE A 1280 -4.91 -26.27 31.26
C PHE A 1280 -5.55 -24.92 31.53
N SER A 1281 -6.87 -24.83 31.34
CA SER A 1281 -7.56 -23.60 31.69
C SER A 1281 -7.66 -23.39 33.19
N LYS A 1282 -7.42 -24.43 33.98
CA LYS A 1282 -7.33 -24.24 35.42
C LYS A 1282 -5.96 -23.77 35.86
N ARG A 1283 -4.97 -23.76 34.96
CA ARG A 1283 -3.61 -23.44 35.35
C ARG A 1283 -3.22 -22.01 35.01
N VAL A 1284 -3.37 -21.62 33.75
CA VAL A 1284 -2.81 -20.36 33.28
C VAL A 1284 -3.84 -19.40 32.71
N ILE A 1285 -5.06 -19.85 32.46
CA ILE A 1285 -6.03 -19.00 31.78
C ILE A 1285 -6.84 -18.21 32.81
N LEU A 1286 -7.49 -18.92 33.73
CA LEU A 1286 -8.35 -18.36 34.78
C LEU A 1286 -9.50 -17.53 34.19
N ALA A 1287 -10.32 -18.20 33.37
CA ALA A 1287 -11.46 -17.60 32.69
C ALA A 1287 -12.68 -18.52 32.81
N ASP A 1288 -13.00 -18.88 34.06
CA ASP A 1288 -13.83 -20.03 34.39
C ASP A 1288 -15.24 -19.94 33.81
N ALA A 1289 -15.77 -18.73 33.62
CA ALA A 1289 -17.15 -18.57 33.14
C ALA A 1289 -17.27 -19.04 31.70
N ASN A 1290 -16.34 -18.64 30.84
CA ASN A 1290 -16.34 -19.13 29.48
C ASN A 1290 -16.02 -20.61 29.42
N LEU A 1291 -15.22 -21.10 30.38
CA LEU A 1291 -14.85 -22.52 30.40
C LEU A 1291 -16.05 -23.40 30.70
N ASP A 1292 -16.79 -23.12 31.78
CA ASP A 1292 -17.89 -24.02 32.06
C ASP A 1292 -19.09 -23.75 31.16
N LYS A 1293 -19.22 -22.54 30.61
CA LYS A 1293 -20.22 -22.31 29.57
C LYS A 1293 -19.93 -23.15 28.33
N VAL A 1294 -18.68 -23.23 27.91
CA VAL A 1294 -18.41 -23.99 26.69
C VAL A 1294 -18.39 -25.49 26.97
N LEU A 1295 -18.12 -25.93 28.20
CA LEU A 1295 -18.25 -27.37 28.41
C LEU A 1295 -19.71 -27.78 28.55
N SER A 1296 -20.59 -26.88 29.02
CA SER A 1296 -22.02 -27.14 28.94
C SER A 1296 -22.50 -27.19 27.49
N ALA A 1297 -21.98 -26.28 26.65
CA ALA A 1297 -22.32 -26.30 25.24
C ALA A 1297 -21.80 -27.55 24.54
N TYR A 1298 -20.68 -28.09 25.00
CA TYR A 1298 -20.18 -29.35 24.46
C TYR A 1298 -21.04 -30.52 24.93
N ASN A 1299 -21.49 -30.48 26.18
CA ASN A 1299 -22.36 -31.54 26.69
C ASN A 1299 -23.74 -31.51 26.05
N LYS A 1300 -24.14 -30.39 25.46
CA LYS A 1300 -25.40 -30.36 24.72
C LYS A 1300 -25.24 -30.77 23.26
N HIS A 1301 -24.10 -31.31 22.86
CA HIS A 1301 -23.89 -31.69 21.46
C HIS A 1301 -23.13 -33.01 21.37
N ARG A 1302 -23.52 -33.99 22.18
CA ARG A 1302 -22.84 -35.28 22.20
C ARG A 1302 -23.45 -36.29 21.23
N ASP A 1303 -24.07 -35.83 20.15
CA ASP A 1303 -24.75 -36.73 19.22
C ASP A 1303 -24.51 -36.43 17.75
N LYS A 1304 -23.77 -35.38 17.42
CA LYS A 1304 -23.56 -34.98 16.03
C LYS A 1304 -22.58 -35.92 15.36
N PRO A 1305 -22.45 -35.86 14.02
CA PRO A 1305 -21.34 -36.54 13.35
C PRO A 1305 -19.99 -36.00 13.79
N ILE A 1306 -18.97 -36.85 13.60
CA ILE A 1306 -17.65 -36.57 14.14
C ILE A 1306 -16.97 -35.42 13.40
N ARG A 1307 -17.33 -35.20 12.14
CA ARG A 1307 -16.71 -34.16 11.34
C ARG A 1307 -17.02 -32.77 11.88
N GLU A 1308 -18.29 -32.53 12.23
CA GLU A 1308 -18.66 -31.23 12.78
C GLU A 1308 -18.12 -31.05 14.19
N GLN A 1309 -18.00 -32.13 14.96
CA GLN A 1309 -17.43 -32.02 16.30
C GLN A 1309 -15.95 -31.66 16.24
N ALA A 1310 -15.21 -32.24 15.29
CA ALA A 1310 -13.82 -31.84 15.12
C ALA A 1310 -13.70 -30.42 14.58
N GLU A 1311 -14.59 -30.05 13.67
CA GLU A 1311 -14.60 -28.70 13.11
C GLU A 1311 -14.90 -27.65 14.17
N ASN A 1312 -15.62 -28.02 15.23
CA ASN A 1312 -15.83 -27.08 16.32
C ASN A 1312 -14.80 -27.21 17.43
N ILE A 1313 -14.09 -28.32 17.53
CA ILE A 1313 -12.97 -28.40 18.47
C ILE A 1313 -11.82 -27.51 18.02
N ILE A 1314 -11.57 -27.45 16.70
CA ILE A 1314 -10.56 -26.52 16.20
C ILE A 1314 -10.98 -25.06 16.34
N HIS A 1315 -12.25 -24.78 16.60
CA HIS A 1315 -12.67 -23.45 17.00
C HIS A 1315 -12.58 -23.26 18.49
N LEU A 1316 -12.70 -24.34 19.26
CA LEU A 1316 -12.55 -24.25 20.71
C LEU A 1316 -11.10 -23.97 21.09
N PHE A 1317 -10.15 -24.38 20.26
CA PHE A 1317 -8.73 -24.16 20.59
C PHE A 1317 -8.31 -22.69 20.65
N THR A 1318 -9.11 -21.74 20.16
CA THR A 1318 -8.67 -20.35 20.24
C THR A 1318 -8.88 -19.73 21.62
N LEU A 1319 -9.40 -20.48 22.58
CA LEU A 1319 -9.42 -20.01 23.96
C LEU A 1319 -8.00 -19.95 24.52
N THR A 1320 -7.17 -20.94 24.18
CA THR A 1320 -5.85 -21.10 24.76
C THR A 1320 -4.73 -20.86 23.75
N ASN A 1321 -4.86 -19.82 22.94
CA ASN A 1321 -3.75 -19.44 22.07
C ASN A 1321 -2.82 -18.48 22.81
N LEU A 1322 -1.79 -18.04 22.09
CA LEU A 1322 -0.83 -17.10 22.62
C LEU A 1322 -1.14 -15.70 22.13
N GLY A 1323 -1.11 -14.74 23.04
CA GLY A 1323 -1.28 -13.35 22.69
C GLY A 1323 -2.60 -12.79 23.19
N ALA A 1324 -3.29 -12.05 22.35
CA ALA A 1324 -4.49 -11.33 22.72
C ALA A 1324 -5.68 -12.28 22.90
N PRO A 1325 -6.56 -11.99 23.84
CA PRO A 1325 -7.79 -12.79 23.95
C PRO A 1325 -8.76 -12.47 22.83
N ALA A 1326 -9.53 -13.47 22.44
CA ALA A 1326 -10.44 -13.35 21.31
C ALA A 1326 -11.79 -13.93 21.65
N ALA A 1327 -12.72 -13.76 20.72
CA ALA A 1327 -14.07 -14.30 20.82
C ALA A 1327 -14.29 -15.29 19.69
N PHE A 1328 -15.22 -16.21 19.88
CA PHE A 1328 -15.41 -17.29 18.91
C PHE A 1328 -16.84 -17.79 19.01
N LYS A 1329 -17.12 -18.88 18.31
CA LYS A 1329 -18.47 -19.44 18.23
C LYS A 1329 -18.36 -20.95 18.19
N TYR A 1330 -19.02 -21.63 19.11
CA TYR A 1330 -18.85 -23.08 19.21
C TYR A 1330 -19.73 -23.83 18.20
N PHE A 1331 -21.04 -23.80 18.39
CA PHE A 1331 -21.98 -24.31 17.39
C PHE A 1331 -22.87 -23.18 16.88
N ASP A 1332 -23.61 -22.55 17.78
CA ASP A 1332 -24.26 -21.28 17.54
C ASP A 1332 -24.09 -20.37 18.74
N THR A 1333 -23.69 -20.91 19.89
CA THR A 1333 -23.35 -20.09 21.05
C THR A 1333 -22.04 -19.37 20.78
N THR A 1334 -22.10 -18.04 20.81
CA THR A 1334 -20.91 -17.22 20.65
C THR A 1334 -20.31 -16.95 22.03
N ILE A 1335 -19.05 -17.32 22.19
CA ILE A 1335 -18.33 -17.08 23.43
C ILE A 1335 -17.57 -15.77 23.27
N ASP A 1336 -17.85 -14.80 24.14
CA ASP A 1336 -17.19 -13.52 24.10
C ASP A 1336 -15.86 -13.62 24.84
N ARG A 1337 -15.07 -12.55 24.79
CA ARG A 1337 -13.68 -12.61 25.22
C ARG A 1337 -13.55 -12.17 26.68
N LYS A 1338 -12.74 -12.91 27.44
CA LYS A 1338 -12.38 -12.47 28.78
C LYS A 1338 -11.08 -11.68 28.66
N ARG A 1339 -11.16 -10.38 28.86
CA ARG A 1339 -9.98 -9.52 28.77
C ARG A 1339 -9.30 -9.44 30.14
N TYR A 1340 -8.00 -9.19 30.15
CA TYR A 1340 -7.30 -9.06 31.42
C TYR A 1340 -7.08 -7.58 31.69
N THR A 1341 -7.70 -7.06 32.73
CA THR A 1341 -7.74 -5.61 32.93
C THR A 1341 -7.26 -5.27 34.33
N SER A 1342 -6.12 -5.83 34.73
CA SER A 1342 -5.56 -5.58 36.04
C SER A 1342 -4.07 -5.83 35.98
N THR A 1343 -3.29 -4.89 36.52
CA THR A 1343 -1.84 -5.03 36.49
C THR A 1343 -1.24 -4.93 37.88
N LYS A 1344 -2.02 -5.26 38.90
CA LYS A 1344 -1.57 -5.14 40.27
C LYS A 1344 -0.97 -6.43 40.81
N GLU A 1345 -0.65 -7.39 39.95
CA GLU A 1345 0.02 -8.61 40.36
C GLU A 1345 1.41 -8.76 39.76
N VAL A 1346 1.65 -8.20 38.57
CA VAL A 1346 2.97 -8.26 37.96
C VAL A 1346 3.98 -7.36 38.64
N LEU A 1347 3.54 -6.56 39.61
CA LEU A 1347 4.46 -5.88 40.50
C LEU A 1347 5.21 -6.85 41.39
N ASP A 1348 4.67 -8.04 41.64
CA ASP A 1348 5.31 -9.04 42.47
C ASP A 1348 5.54 -10.35 41.72
N ALA A 1349 6.01 -10.26 40.48
CA ALA A 1349 6.31 -11.42 39.66
C ALA A 1349 7.72 -11.29 39.11
N THR A 1350 8.14 -12.28 38.32
CA THR A 1350 9.51 -12.35 37.83
C THR A 1350 9.57 -11.81 36.40
N LEU A 1351 10.28 -10.72 36.20
CA LEU A 1351 10.42 -10.12 34.88
C LEU A 1351 11.54 -10.81 34.12
N ILE A 1352 11.25 -11.25 32.89
CA ILE A 1352 12.20 -12.00 32.07
C ILE A 1352 12.69 -11.09 30.96
N HIS A 1353 14.01 -11.02 30.79
CA HIS A 1353 14.62 -10.37 29.64
C HIS A 1353 15.22 -11.46 28.76
N GLN A 1354 14.67 -11.61 27.56
CA GLN A 1354 15.06 -12.68 26.66
C GLN A 1354 15.93 -12.16 25.53
N SER A 1355 16.72 -13.05 24.96
CA SER A 1355 17.58 -12.73 23.84
C SER A 1355 16.78 -12.80 22.54
N ILE A 1356 17.46 -12.79 21.40
CA ILE A 1356 16.75 -12.84 20.13
C ILE A 1356 16.24 -14.25 19.84
N THR A 1357 16.85 -15.27 20.46
CA THR A 1357 16.34 -16.62 20.35
C THR A 1357 15.71 -17.12 21.63
N GLY A 1358 15.90 -16.42 22.74
CA GLY A 1358 15.37 -16.89 24.00
C GLY A 1358 16.25 -17.88 24.71
N LEU A 1359 17.51 -18.00 24.30
CA LEU A 1359 18.43 -18.89 25.00
C LEU A 1359 19.18 -18.17 26.11
N TYR A 1360 19.41 -16.88 25.98
CA TYR A 1360 20.07 -16.10 27.01
C TYR A 1360 19.02 -15.30 27.78
N GLU A 1361 18.93 -15.53 29.08
CA GLU A 1361 17.89 -14.93 29.90
C GLU A 1361 18.50 -14.09 31.01
N THR A 1362 17.76 -13.07 31.43
CA THR A 1362 18.09 -12.28 32.60
C THR A 1362 16.81 -12.07 33.41
N ARG A 1363 16.77 -12.63 34.61
CA ARG A 1363 15.55 -12.66 35.41
C ARG A 1363 15.67 -11.67 36.56
N ILE A 1364 14.84 -10.66 36.55
CA ILE A 1364 14.76 -9.68 37.64
C ILE A 1364 13.58 -10.07 38.52
N ASP A 1365 13.77 -10.01 39.83
CA ASP A 1365 12.68 -10.25 40.77
C ASP A 1365 12.22 -8.90 41.32
N LEU A 1366 10.99 -8.51 41.00
CA LEU A 1366 10.48 -7.21 41.37
C LEU A 1366 10.01 -7.13 42.81
N SER A 1367 9.95 -8.25 43.53
CA SER A 1367 9.47 -8.23 44.90
C SER A 1367 10.46 -7.60 45.86
N GLN A 1368 11.73 -7.55 45.50
CA GLN A 1368 12.76 -7.01 46.37
C GLN A 1368 13.14 -5.58 46.02
N LEU A 1369 12.19 -4.81 45.50
CA LEU A 1369 12.42 -3.41 45.16
C LEU A 1369 11.55 -2.56 46.09
N GLY A 1370 12.16 -2.07 47.17
CA GLY A 1370 11.45 -1.28 48.15
C GLY A 1370 11.81 -1.70 49.57
#